data_3B2V
#
_entry.id   3B2V
#
_cell.length_a   68.743
_cell.length_b   266.242
_cell.length_c   156.381
_cell.angle_alpha   90.000
_cell.angle_beta   90.000
_cell.angle_gamma   90.000
#
_symmetry.space_group_name_H-M   'C 2 2 21'
#
loop_
_entity.id
_entity.type
_entity.pdbx_description
1 polymer 'IMC-11F8 FAB Light chain'
2 polymer 'IMC-11F8 FAB Heavy chain'
3 polymer 'Epidermal growth factor receptor'
4 branched beta-D-mannopyranose-(1-4)-2-acetamido-2-deoxy-beta-D-glucopyranose-(1-4)-2-acetamido-2-deoxy-beta-D-glucopyranose
5 branched 2-acetamido-2-deoxy-beta-D-glucopyranose-(1-4)-2-acetamido-2-deoxy-beta-D-glucopyranose
6 non-polymer 2-acetamido-2-deoxy-beta-D-glucopyranose
#
loop_
_entity_poly.entity_id
_entity_poly.type
_entity_poly.pdbx_seq_one_letter_code
_entity_poly.pdbx_strand_id
1 'polypeptide(L)'
;EIVMTQSPATLSLSPGERATLSCRASQSVSSYLAWYQQKPGQAPRLLIYDASNRATGIPARFSGSGSGTDFTLTISSLEP
EDFAVYYCHQYGSTPLTFGGGTKAEIKRTVAAPSVFIFPPSDEQLKSGTASVVCLLNNFYPREAKVQWKVDNALQSGNSQ
ESVTEQDSKDSTYSLSSTLTLSKADYEKHKVYACEVTHQGLSSPVTKSFNRGA
;
L
2 'polypeptide(L)'
;QVQLQESGPGLVKPSQTLSLTCTVSGGSISSGDYYWSWIRQPPGKGLEWIGYIYYSGSTDYNPSLKSRVTMSVDTSKNQF
SLKVNSVTAADTAVYYCARVSIFGVGTFDYWGQGTLVTVSSASTKGPSVFPLAPSSKSTSGGTAALGCLVKDYFPEPVTV
SWNSGALTSGVHTFPAVLQSSGLYSLSSVVTVPSSSLGTQTYICNVNHKPSNTKVDKKVEPKS
;
H
3 'polypeptide(L)'
;LEEKKVCQGTSNKLTQLGTFEDHFLSLQRMFNNCEVVLGNLEITYVQRNYDLSFLKTIQEVAGYVLIALNTVERIPLENL
QIIRGNMYYENSYALAVLSNYDANKTGLKELPMRNLQEILHGAVRFSNNPALCNVESIQWRDIVSSDFLSNMSMDFQNHL
GSCQKCDPSCPNGSCWGAGEENCQKLTKIICAQQCSGRCRGKSPSDCCHNQCAAGCTGPRESDCLVCRKFRDEATCKDTC
PPLMLYNPTTYQMDVNPEGKYSFGATCVKKCPRNYVVTDHGSCVRACGADSYEMEEDGVRKCKKCEGPCRKVCNGIGIGE
FKDSLSINATNIKHFKNCTSISGDLHILPVAFRGDSFTHTPPLDPQELDILKTVKEITGFLLIQAWPENRTDLHAFENLE
IIRGRTKQHGQFSLAVVSLNITSLGLRSLKEISDGDVIISGNKNLCYANTINWKKLFGTSGQKTKIISNRGENSCKATGQ
VCHALCSPEGCWGPEPRDCVSCRNVSRGRECVDKCNLLEGEPREFVENSECIQCHPECLPQAMNITCTGRGPDNCIQCAH
YIDGPHCVKTCPAGVMGENNTLVWKYADAGHVCHLCHPNCTYGCTGPGLEGCPTNGPKHHHHHH
;
A
#
# COMPACT_ATOMS: atom_id res chain seq x y z
N GLU A 1 -1.87 8.89 -14.27
CA GLU A 1 -0.98 7.71 -13.91
C GLU A 1 0.53 8.03 -13.93
N ILE A 2 1.38 7.03 -13.74
CA ILE A 2 2.80 7.20 -13.41
C ILE A 2 3.61 6.21 -14.24
N VAL A 3 3.44 6.23 -15.56
CA VAL A 3 4.08 5.33 -16.57
C VAL A 3 5.37 4.49 -16.35
N MET A 4 5.19 3.17 -16.34
CA MET A 4 6.25 2.22 -16.59
C MET A 4 6.53 1.95 -18.05
N THR A 5 7.79 2.09 -18.42
CA THR A 5 8.23 1.96 -19.80
C THR A 5 9.29 0.80 -19.97
N GLN A 6 8.82 -0.44 -19.83
CA GLN A 6 9.63 -1.63 -20.02
C GLN A 6 10.37 -1.53 -21.40
N SER A 7 11.62 -1.97 -21.42
CA SER A 7 12.44 -2.08 -22.62
C SER A 7 13.38 -3.32 -22.51
N PRO A 8 13.52 -4.06 -23.63
CA PRO A 8 13.18 -3.63 -24.94
C PRO A 8 12.23 -4.64 -25.53
N ALA A 9 10.95 -4.38 -25.40
CA ALA A 9 9.91 -5.14 -26.13
C ALA A 9 10.07 -6.64 -26.28
N THR A 10 11.16 -7.01 -26.95
CA THR A 10 11.38 -8.33 -27.55
C THR A 10 12.86 -8.74 -27.38
N LEU A 11 13.13 -9.92 -26.89
CA LEU A 11 14.47 -10.40 -26.55
C LEU A 11 14.59 -11.90 -26.82
N SER A 12 15.19 -12.27 -27.93
CA SER A 12 15.47 -13.71 -28.12
C SER A 12 16.91 -13.92 -27.68
N LEU A 13 17.08 -14.82 -26.85
CA LEU A 13 18.39 -15.22 -26.34
C LEU A 13 18.56 -16.74 -26.39
N SER A 14 19.56 -17.33 -25.95
CA SER A 14 19.69 -18.77 -26.02
C SER A 14 20.38 -19.28 -24.78
N PRO A 15 19.93 -20.45 -24.28
CA PRO A 15 20.25 -21.14 -23.06
C PRO A 15 21.47 -20.68 -22.30
N GLY A 16 21.46 -20.93 -20.99
CA GLY A 16 22.52 -20.47 -20.05
C GLY A 16 23.22 -19.12 -20.30
N GLU A 17 22.66 -18.28 -21.20
CA GLU A 17 23.19 -16.95 -21.48
C GLU A 17 22.43 -15.84 -20.69
N ARG A 18 23.07 -14.71 -20.37
CA ARG A 18 22.47 -13.68 -19.50
C ARG A 18 21.44 -12.83 -20.17
N ALA A 19 20.24 -12.77 -19.58
CA ALA A 19 19.13 -11.89 -20.06
C ALA A 19 18.91 -10.63 -19.22
N THR A 20 18.85 -9.51 -19.96
CA THR A 20 18.84 -8.23 -19.27
C THR A 20 17.71 -7.28 -19.67
N LEU A 21 16.88 -6.97 -18.67
CA LEU A 21 15.56 -6.37 -18.87
C LEU A 21 15.39 -5.14 -17.98
N SER A 22 14.42 -4.26 -18.30
CA SER A 22 14.31 -2.94 -17.60
C SER A 22 13.08 -1.96 -17.82
N CYS A 23 12.38 -1.50 -16.75
CA CYS A 23 11.50 -0.29 -16.88
C CYS A 23 12.37 0.89 -16.66
N ARG A 24 11.97 2.04 -17.21
CA ARG A 24 12.29 3.35 -16.61
C ARG A 24 10.94 3.91 -16.24
N ALA A 25 10.77 4.11 -14.94
CA ALA A 25 9.58 4.68 -14.40
C ALA A 25 9.67 6.19 -14.65
N SER A 26 8.58 6.75 -15.18
CA SER A 26 8.35 8.20 -15.34
C SER A 26 8.53 9.15 -14.10
N GLN A 27 8.20 8.70 -12.90
CA GLN A 27 8.69 9.37 -11.68
C GLN A 27 9.16 8.31 -10.73
N SER A 28 9.89 8.72 -9.68
CA SER A 28 10.56 7.73 -8.80
C SER A 28 9.54 6.90 -8.09
N VAL A 29 9.57 5.59 -8.33
CA VAL A 29 8.84 4.65 -7.47
C VAL A 29 9.67 4.16 -6.22
N SER A 30 10.44 5.08 -5.63
CA SER A 30 11.40 4.71 -4.65
C SER A 30 11.97 3.32 -4.96
N SER A 31 11.43 2.29 -4.34
CA SER A 31 11.90 0.92 -4.55
C SER A 31 10.74 0.01 -4.91
N TYR A 32 9.55 0.39 -4.41
CA TYR A 32 8.27 -0.16 -4.80
C TYR A 32 8.12 -0.55 -6.28
N LEU A 33 8.50 -1.77 -6.61
CA LEU A 33 8.54 -2.23 -7.97
C LEU A 33 8.57 -3.73 -7.97
N ALA A 34 7.88 -4.39 -8.87
CA ALA A 34 7.92 -5.84 -8.79
C ALA A 34 7.89 -6.31 -10.18
N TRP A 35 8.46 -7.49 -10.43
CA TRP A 35 8.60 -8.01 -11.77
C TRP A 35 7.74 -9.21 -11.95
N TYR A 36 7.19 -9.43 -13.15
CA TYR A 36 6.25 -10.56 -13.35
C TYR A 36 6.47 -11.30 -14.68
N GLN A 37 5.75 -12.39 -14.86
CA GLN A 37 6.04 -13.31 -15.88
C GLN A 37 4.76 -13.88 -16.39
N GLN A 38 4.30 -13.44 -17.54
CA GLN A 38 3.10 -14.11 -18.05
C GLN A 38 3.52 -15.16 -19.08
N LYS A 39 3.34 -16.42 -18.70
CA LYS A 39 3.45 -17.52 -19.62
C LYS A 39 2.04 -17.64 -20.16
N PRO A 40 1.88 -17.73 -21.50
CA PRO A 40 0.61 -17.99 -22.14
C PRO A 40 -0.41 -18.74 -21.28
N GLY A 41 -1.66 -18.35 -21.40
CA GLY A 41 -2.76 -19.22 -20.98
C GLY A 41 -3.01 -19.03 -19.52
N GLN A 42 -1.91 -18.86 -18.79
CA GLN A 42 -1.98 -18.58 -17.39
C GLN A 42 -1.84 -17.07 -17.33
N ALA A 43 -1.78 -16.50 -16.13
CA ALA A 43 -0.97 -15.29 -15.91
C ALA A 43 -0.60 -14.96 -14.45
N PRO A 44 -0.16 -13.69 -14.20
CA PRO A 44 1.22 -13.43 -13.82
C PRO A 44 1.86 -14.26 -12.74
N ARG A 45 3.16 -14.08 -12.59
CA ARG A 45 3.89 -14.75 -11.57
C ARG A 45 4.91 -13.70 -11.08
N LEU A 46 4.75 -13.28 -9.79
CA LEU A 46 5.54 -12.23 -9.16
C LEU A 46 6.70 -13.01 -8.79
N LEU A 47 7.86 -12.34 -8.85
CA LEU A 47 9.23 -12.86 -9.12
C LEU A 47 10.24 -12.07 -8.30
N ILE A 48 10.04 -10.78 -8.39
CA ILE A 48 10.76 -9.91 -7.57
C ILE A 48 9.80 -8.84 -7.22
N TYR A 49 9.93 -8.40 -5.97
CA TYR A 49 9.26 -7.24 -5.52
C TYR A 49 10.22 -6.39 -4.90
N ASP A 50 9.97 -5.07 -4.87
CA ASP A 50 10.89 -4.06 -4.28
C ASP A 50 12.20 -4.30 -5.01
N ALA A 51 12.74 -3.34 -5.76
CA ALA A 51 13.95 -3.67 -6.55
C ALA A 51 13.86 -5.05 -7.16
N SER A 52 14.27 -6.19 -6.55
CA SER A 52 15.22 -6.52 -5.39
C SER A 52 15.12 -7.95 -4.70
N ASN A 53 13.98 -8.33 -4.14
CA ASN A 53 13.88 -9.62 -3.47
C ASN A 53 13.00 -10.55 -4.24
N ARG A 54 13.34 -11.83 -4.18
CA ARG A 54 12.68 -12.83 -4.94
C ARG A 54 11.72 -13.50 -4.00
N ALA A 55 10.46 -13.64 -4.42
CA ALA A 55 9.46 -14.42 -3.74
C ALA A 55 9.81 -15.87 -3.74
N THR A 56 8.91 -16.72 -3.29
CA THR A 56 9.39 -17.83 -2.52
C THR A 56 8.83 -19.11 -2.93
N GLY A 57 9.68 -19.96 -3.48
CA GLY A 57 10.79 -19.48 -4.27
C GLY A 57 10.56 -19.49 -5.80
N ILE A 58 10.55 -18.31 -6.38
CA ILE A 58 11.13 -18.19 -7.69
C ILE A 58 12.63 -18.62 -7.69
N PRO A 59 13.13 -19.16 -8.82
CA PRO A 59 14.52 -19.58 -9.09
C PRO A 59 15.56 -18.52 -8.98
N ALA A 60 16.67 -18.85 -8.35
CA ALA A 60 17.66 -17.87 -7.94
C ALA A 60 18.23 -17.08 -9.06
N ARG A 61 18.11 -17.62 -10.29
CA ARG A 61 18.65 -17.01 -11.52
C ARG A 61 17.98 -15.71 -11.81
N PHE A 62 16.71 -15.67 -11.43
CA PHE A 62 15.92 -14.45 -11.45
C PHE A 62 16.39 -13.39 -10.48
N SER A 63 16.72 -12.28 -11.11
CA SER A 63 17.47 -11.26 -10.48
C SER A 63 17.01 -9.88 -10.95
N GLY A 64 17.05 -8.96 -9.99
CA GLY A 64 16.78 -7.52 -10.16
C GLY A 64 16.75 -6.98 -8.73
N SER A 65 17.17 -5.72 -8.43
CA SER A 65 18.04 -4.74 -9.20
C SER A 65 17.38 -3.44 -9.62
N GLY A 66 17.87 -2.32 -9.09
CA GLY A 66 17.27 -1.00 -9.34
C GLY A 66 16.56 -0.23 -8.22
N SER A 67 16.79 1.08 -8.18
CA SER A 67 16.01 1.97 -7.32
C SER A 67 15.97 3.36 -7.99
N GLY A 68 14.89 4.07 -7.75
CA GLY A 68 14.73 5.43 -8.17
C GLY A 68 13.73 5.34 -9.28
N THR A 69 14.23 5.53 -10.47
CA THR A 69 13.36 5.61 -11.60
C THR A 69 13.76 4.53 -12.61
N ASP A 70 15.02 4.07 -12.57
CA ASP A 70 15.52 2.94 -13.38
C ASP A 70 15.89 1.68 -12.61
N PHE A 71 15.23 0.56 -12.92
CA PHE A 71 15.47 -0.79 -12.37
C PHE A 71 15.71 -1.80 -13.50
N THR A 72 16.13 -3.02 -13.15
CA THR A 72 16.60 -3.98 -14.14
C THR A 72 16.25 -5.44 -13.83
N LEU A 73 15.58 -6.11 -14.76
CA LEU A 73 15.39 -7.54 -14.54
C LEU A 73 16.54 -8.20 -15.21
N THR A 74 17.20 -9.08 -14.44
CA THR A 74 18.28 -9.93 -14.96
C THR A 74 17.97 -11.39 -14.74
N ILE A 75 17.55 -12.03 -15.81
CA ILE A 75 17.42 -13.47 -15.77
C ILE A 75 18.87 -13.83 -16.01
N SER A 76 19.43 -14.74 -15.20
CA SER A 76 20.91 -14.97 -15.12
C SER A 76 21.52 -15.86 -16.22
N SER A 77 20.74 -16.84 -16.66
CA SER A 77 21.16 -17.91 -17.52
C SER A 77 19.87 -18.66 -17.85
N LEU A 78 19.36 -18.42 -19.05
CA LEU A 78 17.98 -18.71 -19.40
C LEU A 78 17.62 -20.16 -19.74
N GLU A 79 16.58 -20.69 -19.10
CA GLU A 79 15.99 -21.92 -19.62
C GLU A 79 15.27 -21.68 -20.98
N PRO A 80 14.96 -22.78 -21.69
CA PRO A 80 13.78 -22.84 -22.58
C PRO A 80 12.46 -22.53 -21.81
N GLU A 81 12.33 -23.14 -20.62
CA GLU A 81 11.17 -23.00 -19.75
C GLU A 81 11.15 -21.62 -19.10
N ASP A 82 11.78 -20.71 -19.81
CA ASP A 82 11.75 -19.30 -19.51
C ASP A 82 11.03 -18.60 -20.60
N PHE A 83 10.24 -19.36 -21.32
CA PHE A 83 9.53 -18.66 -22.33
C PHE A 83 8.25 -17.97 -21.78
N ALA A 84 8.31 -16.62 -21.66
CA ALA A 84 7.18 -15.78 -21.20
C ALA A 84 7.25 -14.28 -21.67
N VAL A 85 6.18 -13.53 -21.43
CA VAL A 85 6.31 -12.09 -21.39
C VAL A 85 6.45 -11.63 -19.93
N TYR A 86 7.45 -10.78 -19.68
CA TYR A 86 7.83 -10.34 -18.37
C TYR A 86 7.34 -8.92 -18.09
N TYR A 87 6.89 -8.63 -16.86
CA TYR A 87 6.26 -7.35 -16.51
C TYR A 87 6.73 -6.52 -15.24
N CYS A 88 7.11 -5.23 -15.42
CA CYS A 88 7.20 -4.17 -14.36
C CYS A 88 5.92 -4.04 -13.60
N HIS A 89 5.85 -3.41 -12.42
CA HIS A 89 4.49 -3.34 -11.78
C HIS A 89 4.11 -2.48 -10.61
N GLN A 90 4.86 -1.38 -10.45
CA GLN A 90 4.82 -0.42 -9.32
C GLN A 90 3.62 -0.38 -8.31
N TYR A 91 3.91 -0.04 -7.05
CA TYR A 91 2.85 0.05 -6.02
C TYR A 91 3.04 1.22 -5.08
N GLY A 92 4.05 2.02 -5.33
CA GLY A 92 4.19 3.30 -4.67
C GLY A 92 2.99 4.23 -4.72
N SER A 93 2.50 4.57 -5.91
CA SER A 93 1.43 5.56 -6.03
C SER A 93 0.34 5.10 -6.91
N THR A 94 -0.87 4.94 -6.36
CA THR A 94 -2.07 4.82 -7.19
C THR A 94 -2.10 5.97 -8.17
N PRO A 95 -2.53 5.69 -9.41
CA PRO A 95 -2.90 4.32 -9.78
C PRO A 95 -1.67 3.36 -10.06
N LEU A 96 -1.87 2.09 -9.76
CA LEU A 96 -0.87 1.14 -10.04
C LEU A 96 -0.81 1.02 -11.54
N THR A 97 0.40 0.98 -12.05
CA THR A 97 0.61 0.80 -13.46
C THR A 97 1.63 -0.31 -13.65
N PHE A 98 1.51 -1.02 -14.78
CA PHE A 98 2.54 -1.95 -15.26
C PHE A 98 3.25 -1.37 -16.47
N GLY A 99 4.35 -2.02 -16.84
CA GLY A 99 5.09 -1.63 -18.00
C GLY A 99 4.47 -2.22 -19.26
N GLY A 100 5.26 -2.13 -20.35
CA GLY A 100 4.85 -2.47 -21.72
C GLY A 100 4.86 -3.95 -22.01
N GLY A 101 5.98 -4.55 -21.59
CA GLY A 101 6.22 -5.99 -21.60
C GLY A 101 7.68 -6.20 -21.90
N THR A 102 8.13 -7.44 -21.90
CA THR A 102 9.17 -7.81 -22.82
C THR A 102 8.82 -9.24 -23.08
N LYS A 103 8.60 -9.56 -24.38
CA LYS A 103 8.52 -10.94 -24.93
C LYS A 103 9.94 -11.44 -25.11
N ALA A 104 10.18 -12.58 -24.47
CA ALA A 104 11.48 -13.23 -24.32
C ALA A 104 11.35 -14.62 -24.94
N GLU A 105 11.98 -14.73 -26.09
CA GLU A 105 11.97 -16.00 -26.80
C GLU A 105 13.39 -16.57 -26.84
N ILE A 106 13.47 -17.90 -26.72
CA ILE A 106 14.75 -18.60 -26.64
C ILE A 106 15.13 -19.35 -27.94
N LYS A 107 16.33 -19.06 -28.49
CA LYS A 107 16.73 -19.66 -29.79
C LYS A 107 17.25 -21.10 -29.63
N ARG A 108 16.65 -22.04 -30.39
CA ARG A 108 17.08 -23.48 -30.46
C ARG A 108 17.89 -23.79 -31.74
N THR A 109 18.07 -25.09 -32.04
CA THR A 109 18.76 -25.64 -33.26
C THR A 109 18.12 -25.15 -34.56
N VAL A 110 17.42 -26.07 -35.21
CA VAL A 110 16.41 -25.84 -36.26
C VAL A 110 15.77 -27.22 -36.32
N ALA A 111 14.44 -27.29 -36.34
CA ALA A 111 13.77 -28.60 -36.51
C ALA A 111 12.88 -28.75 -37.78
N ALA A 112 12.45 -29.99 -38.01
CA ALA A 112 11.82 -30.35 -39.28
C ALA A 112 10.31 -30.54 -39.16
N PRO A 113 9.56 -29.69 -39.92
CA PRO A 113 8.12 -29.66 -40.10
C PRO A 113 7.45 -31.00 -40.42
N SER A 114 7.40 -31.89 -39.41
CA SER A 114 6.76 -33.22 -39.44
C SER A 114 5.22 -33.27 -39.75
N VAL A 115 4.86 -32.98 -41.01
CA VAL A 115 3.47 -32.73 -41.49
C VAL A 115 2.51 -33.95 -41.45
N PHE A 116 1.25 -33.71 -41.07
CA PHE A 116 0.14 -34.71 -41.23
C PHE A 116 -1.03 -34.16 -42.08
N ILE A 117 -1.75 -35.03 -42.78
CA ILE A 117 -2.91 -34.53 -43.53
C ILE A 117 -4.20 -35.36 -43.41
N PHE A 118 -5.07 -34.90 -42.51
CA PHE A 118 -6.34 -35.59 -42.20
C PHE A 118 -7.49 -34.96 -43.00
N PRO A 119 -8.21 -35.81 -43.75
CA PRO A 119 -9.26 -35.39 -44.69
C PRO A 119 -10.57 -35.04 -43.98
N PRO A 120 -11.52 -34.36 -44.68
CA PRO A 120 -12.82 -33.98 -44.05
C PRO A 120 -13.60 -35.22 -43.57
N SER A 121 -14.82 -35.05 -43.05
CA SER A 121 -15.64 -36.24 -42.66
C SER A 121 -17.13 -36.24 -43.08
N ASP A 122 -17.88 -37.27 -42.68
CA ASP A 122 -19.36 -37.27 -42.82
C ASP A 122 -19.96 -36.52 -41.64
N GLU A 123 -19.48 -36.85 -40.44
CA GLU A 123 -19.80 -36.09 -39.24
C GLU A 123 -19.37 -34.62 -39.41
N GLN A 124 -18.57 -34.34 -40.44
CA GLN A 124 -18.26 -32.97 -40.88
C GLN A 124 -19.11 -32.50 -42.08
N LEU A 125 -19.03 -33.22 -43.20
CA LEU A 125 -19.70 -32.82 -44.43
C LEU A 125 -21.20 -33.16 -44.52
N LYS A 126 -21.66 -34.12 -43.70
CA LYS A 126 -23.08 -34.50 -43.60
C LYS A 126 -23.98 -33.38 -43.01
N SER A 127 -23.37 -32.34 -42.45
CA SER A 127 -24.10 -31.10 -42.25
C SER A 127 -24.10 -30.39 -43.60
N GLY A 128 -23.14 -29.50 -43.87
CA GLY A 128 -23.18 -28.70 -45.10
C GLY A 128 -21.88 -28.38 -45.78
N THR A 129 -20.78 -28.42 -45.02
CA THR A 129 -19.44 -27.98 -45.50
C THR A 129 -18.33 -29.05 -45.35
N ALA A 130 -17.65 -29.03 -44.19
CA ALA A 130 -16.47 -29.85 -43.84
C ALA A 130 -15.16 -29.17 -44.26
N SER A 131 -14.04 -29.48 -43.60
CA SER A 131 -12.72 -28.95 -43.98
C SER A 131 -11.49 -29.88 -43.81
N VAL A 132 -10.68 -30.01 -44.86
CA VAL A 132 -9.48 -30.83 -44.81
C VAL A 132 -8.36 -30.06 -44.12
N VAL A 133 -7.89 -30.59 -42.98
CA VAL A 133 -6.83 -29.97 -42.18
C VAL A 133 -5.46 -30.64 -42.30
N CYS A 134 -4.45 -29.81 -42.53
CA CYS A 134 -3.07 -30.22 -42.62
C CYS A 134 -2.31 -29.62 -41.43
N LEU A 135 -1.41 -30.43 -40.86
CA LEU A 135 -0.73 -30.10 -39.59
C LEU A 135 0.60 -29.38 -39.76
N LEU A 136 1.54 -29.71 -38.87
CA LEU A 136 2.87 -29.11 -38.81
C LEU A 136 3.40 -29.03 -37.38
N ASN A 137 3.68 -30.21 -36.84
CA ASN A 137 4.56 -30.36 -35.70
C ASN A 137 5.98 -30.33 -36.21
N ASN A 138 6.98 -30.09 -35.38
CA ASN A 138 6.92 -29.62 -34.03
C ASN A 138 8.27 -28.99 -34.15
N PHE A 139 8.31 -27.94 -34.96
CA PHE A 139 9.54 -27.51 -35.57
C PHE A 139 10.11 -26.21 -35.02
N TYR A 140 11.12 -25.73 -35.71
CA TYR A 140 11.69 -24.42 -35.48
C TYR A 140 12.18 -23.97 -36.85
N PRO A 141 12.44 -22.67 -37.06
CA PRO A 141 12.08 -21.41 -36.44
C PRO A 141 10.75 -20.82 -36.96
N ARG A 142 10.64 -19.49 -36.86
CA ARG A 142 9.42 -18.71 -37.15
C ARG A 142 8.93 -18.82 -38.60
N GLU A 143 9.22 -17.79 -39.41
CA GLU A 143 8.80 -17.70 -40.81
C GLU A 143 8.93 -19.05 -41.51
N ALA A 144 7.88 -19.51 -42.20
CA ALA A 144 7.84 -20.86 -42.86
C ALA A 144 6.61 -21.16 -43.79
N LYS A 145 6.41 -20.34 -44.84
CA LYS A 145 5.21 -20.38 -45.74
C LYS A 145 4.74 -21.75 -46.29
N VAL A 146 3.44 -21.99 -46.21
CA VAL A 146 2.81 -23.28 -46.61
C VAL A 146 2.64 -23.42 -48.14
N GLN A 147 2.16 -24.59 -48.58
CA GLN A 147 1.78 -24.86 -49.98
C GLN A 147 0.63 -25.86 -50.03
N TRP A 148 -0.41 -25.54 -50.80
CA TRP A 148 -1.64 -26.35 -50.87
C TRP A 148 -1.95 -26.87 -52.30
N LYS A 149 -2.45 -28.11 -52.41
CA LYS A 149 -2.71 -28.70 -53.73
C LYS A 149 -3.95 -29.60 -53.83
N VAL A 150 -5.09 -28.99 -54.08
CA VAL A 150 -6.36 -29.72 -54.14
C VAL A 150 -6.55 -30.39 -55.50
N ASP A 151 -6.23 -31.68 -55.58
CA ASP A 151 -6.22 -32.45 -56.85
C ASP A 151 -5.29 -31.88 -57.94
N ASN A 152 -5.13 -30.54 -57.95
CA ASN A 152 -4.31 -29.80 -58.94
C ASN A 152 -3.95 -28.33 -58.58
N ALA A 153 -3.46 -27.60 -59.60
CA ALA A 153 -2.83 -26.26 -59.52
C ALA A 153 -3.35 -25.24 -58.49
N LEU A 154 -2.41 -24.45 -57.92
CA LEU A 154 -2.67 -23.35 -56.94
C LEU A 154 -3.38 -23.90 -55.65
N GLN A 155 -3.82 -23.10 -54.65
CA GLN A 155 -3.65 -21.62 -54.39
C GLN A 155 -4.86 -20.68 -54.80
N SER A 156 -5.04 -19.52 -54.14
CA SER A 156 -4.30 -19.06 -52.94
C SER A 156 -5.21 -18.28 -51.95
N GLY A 157 -5.20 -18.69 -50.68
CA GLY A 157 -5.84 -17.91 -49.60
C GLY A 157 -7.35 -17.95 -49.50
N ASN A 158 -7.83 -18.97 -48.79
CA ASN A 158 -9.22 -19.11 -48.23
C ASN A 158 -9.34 -20.50 -47.55
N SER A 159 -8.51 -20.60 -46.51
CA SER A 159 -8.03 -21.81 -45.88
C SER A 159 -6.97 -21.17 -44.99
N GLN A 160 -6.95 -21.50 -43.70
CA GLN A 160 -6.23 -20.64 -42.73
C GLN A 160 -5.43 -21.35 -41.66
N GLU A 161 -4.25 -20.80 -41.34
CA GLU A 161 -3.26 -21.41 -40.42
C GLU A 161 -3.12 -20.74 -39.02
N SER A 162 -2.88 -21.54 -37.99
CA SER A 162 -2.82 -21.06 -36.62
C SER A 162 -1.61 -21.60 -35.86
N VAL A 163 -0.68 -20.70 -35.52
CA VAL A 163 0.62 -21.06 -34.89
C VAL A 163 0.58 -21.07 -33.37
N THR A 164 1.29 -21.99 -32.72
CA THR A 164 1.38 -21.89 -31.26
C THR A 164 2.45 -20.88 -30.86
N GLU A 165 2.70 -20.83 -29.57
CA GLU A 165 3.82 -20.08 -29.06
C GLU A 165 5.00 -21.05 -28.92
N GLN A 166 6.19 -20.50 -28.73
CA GLN A 166 7.37 -21.29 -28.51
C GLN A 166 7.04 -22.29 -27.41
N ASP A 167 7.31 -23.56 -27.67
CA ASP A 167 7.02 -24.61 -26.69
C ASP A 167 7.75 -24.40 -25.39
N SER A 168 7.07 -24.77 -24.30
CA SER A 168 7.59 -24.54 -22.97
C SER A 168 8.77 -25.43 -22.62
N LYS A 169 8.93 -26.57 -23.31
CA LYS A 169 9.97 -27.55 -22.92
C LYS A 169 10.93 -28.00 -24.01
N ASP A 170 11.32 -27.09 -24.90
CA ASP A 170 12.22 -27.38 -26.00
C ASP A 170 12.19 -26.28 -27.06
N SER A 171 11.30 -25.33 -26.87
CA SER A 171 11.27 -24.17 -27.74
C SER A 171 11.18 -24.55 -29.24
N THR A 172 10.37 -25.58 -29.52
CA THR A 172 9.81 -25.83 -30.83
C THR A 172 8.57 -24.96 -31.08
N TYR A 173 8.12 -24.88 -32.32
CA TYR A 173 6.80 -24.30 -32.58
C TYR A 173 5.71 -25.37 -32.76
N SER A 174 4.71 -25.07 -33.59
CA SER A 174 3.64 -26.01 -33.96
C SER A 174 2.58 -25.23 -34.76
N LEU A 175 2.42 -25.60 -36.04
CA LEU A 175 1.49 -24.89 -36.95
C LEU A 175 0.39 -25.80 -37.57
N SER A 176 -0.70 -25.18 -38.05
CA SER A 176 -1.90 -25.89 -38.51
C SER A 176 -2.77 -25.04 -39.45
N SER A 177 -2.90 -25.47 -40.69
CA SER A 177 -3.75 -24.77 -41.70
C SER A 177 -4.99 -25.60 -42.09
N THR A 178 -5.97 -24.92 -42.70
CA THR A 178 -7.26 -25.57 -42.96
C THR A 178 -7.89 -25.20 -44.32
N LEU A 179 -7.73 -26.09 -45.32
CA LEU A 179 -8.50 -26.03 -46.54
C LEU A 179 -9.91 -26.35 -46.12
N THR A 180 -10.81 -25.38 -46.30
CA THR A 180 -12.17 -25.46 -45.79
C THR A 180 -13.26 -26.02 -46.74
N LEU A 181 -13.69 -25.24 -47.74
CA LEU A 181 -14.55 -25.71 -48.86
C LEU A 181 -15.94 -26.33 -48.54
N SER A 182 -16.93 -25.96 -49.35
CA SER A 182 -18.30 -26.49 -49.22
C SER A 182 -18.40 -27.95 -49.68
N LYS A 183 -19.38 -28.69 -49.13
CA LYS A 183 -19.53 -30.14 -49.38
C LYS A 183 -19.73 -30.45 -50.86
N ALA A 184 -19.24 -29.55 -51.70
CA ALA A 184 -19.43 -29.57 -53.14
C ALA A 184 -18.12 -29.40 -53.91
N ASP A 185 -17.18 -28.65 -53.31
CA ASP A 185 -15.91 -28.29 -53.97
C ASP A 185 -14.71 -29.11 -53.46
N TYR A 186 -14.83 -29.59 -52.21
CA TYR A 186 -13.91 -30.59 -51.63
C TYR A 186 -14.58 -31.95 -51.80
N GLU A 187 -15.70 -31.93 -52.51
CA GLU A 187 -16.35 -33.11 -53.04
C GLU A 187 -15.95 -33.29 -54.50
N LYS A 188 -15.97 -32.20 -55.27
CA LYS A 188 -15.73 -32.27 -56.71
C LYS A 188 -14.26 -32.15 -57.09
N HIS A 189 -13.43 -32.93 -56.41
CA HIS A 189 -12.02 -33.18 -56.72
C HIS A 189 -11.70 -34.52 -56.03
N LYS A 190 -10.56 -35.15 -56.32
CA LYS A 190 -10.29 -36.56 -55.89
C LYS A 190 -9.30 -36.84 -54.73
N VAL A 191 -8.10 -36.28 -54.83
CA VAL A 191 -7.06 -36.44 -53.82
C VAL A 191 -6.34 -35.12 -53.71
N TYR A 192 -6.57 -34.43 -52.59
CA TYR A 192 -5.94 -33.14 -52.34
C TYR A 192 -4.57 -33.37 -51.71
N ALA A 193 -3.61 -32.53 -52.07
CA ALA A 193 -2.23 -32.75 -51.69
C ALA A 193 -1.69 -31.64 -50.80
N CYS A 194 -0.84 -32.05 -49.85
CA CYS A 194 -0.11 -31.11 -48.99
C CYS A 194 1.36 -31.02 -49.38
N GLU A 195 1.87 -29.81 -49.32
CA GLU A 195 3.28 -29.55 -49.46
C GLU A 195 3.68 -28.36 -48.57
N VAL A 196 4.83 -28.50 -47.90
CA VAL A 196 5.36 -27.48 -47.02
C VAL A 196 6.74 -27.10 -47.53
N THR A 197 7.10 -25.83 -47.38
CA THR A 197 8.43 -25.40 -47.77
C THR A 197 9.29 -25.18 -46.51
N HIS A 198 10.20 -26.13 -46.26
CA HIS A 198 10.98 -26.19 -45.01
C HIS A 198 12.50 -26.05 -45.20
N GLN A 199 13.13 -25.12 -44.47
CA GLN A 199 14.59 -24.92 -44.56
C GLN A 199 15.40 -26.05 -43.91
N GLY A 200 14.81 -26.70 -42.90
CA GLY A 200 15.42 -27.84 -42.20
C GLY A 200 15.23 -29.17 -42.91
N LEU A 201 14.75 -29.09 -44.16
CA LEU A 201 14.80 -30.19 -45.15
C LEU A 201 15.65 -29.71 -46.35
N SER A 202 15.49 -30.31 -47.52
CA SER A 202 16.15 -29.76 -48.73
C SER A 202 15.35 -28.62 -49.42
N SER A 203 14.14 -28.81 -49.98
CA SER A 203 13.42 -30.07 -50.38
C SER A 203 11.90 -30.03 -50.13
N PRO A 204 11.23 -28.87 -50.34
CA PRO A 204 9.77 -28.66 -50.14
C PRO A 204 8.82 -29.89 -50.19
N VAL A 205 8.86 -30.68 -49.11
CA VAL A 205 8.22 -32.02 -48.94
C VAL A 205 6.70 -32.10 -49.19
N THR A 206 6.31 -32.96 -50.12
CA THR A 206 4.89 -33.23 -50.40
C THR A 206 4.40 -34.53 -49.72
N LYS A 207 3.52 -34.39 -48.72
CA LYS A 207 2.98 -35.51 -47.94
C LYS A 207 1.44 -35.45 -47.92
N SER A 208 0.74 -36.42 -48.56
CA SER A 208 -0.74 -36.37 -48.76
C SER A 208 -1.52 -37.70 -48.84
N PHE A 209 -2.82 -37.61 -49.23
CA PHE A 209 -3.76 -38.77 -49.35
C PHE A 209 -5.01 -38.57 -50.28
N ASN A 210 -5.56 -39.70 -50.77
CA ASN A 210 -6.88 -39.73 -51.48
C ASN A 210 -8.00 -39.94 -50.50
N ARG A 211 -9.09 -39.18 -50.65
CA ARG A 211 -10.29 -39.42 -49.86
C ARG A 211 -11.30 -40.13 -50.76
N GLY A 212 -11.53 -41.44 -50.55
CA GLY A 212 -10.91 -42.27 -49.50
C GLY A 212 -11.61 -43.62 -49.31
N ALA A 213 -10.89 -44.73 -49.31
CA ALA A 213 -9.44 -44.85 -49.17
C ALA A 213 -9.08 -44.93 -47.68
N GLN B 1 -3.87 -23.44 -1.63
CA GLN B 1 -5.00 -23.44 -0.65
C GLN B 1 -6.08 -22.34 -1.00
N VAL B 2 -5.62 -21.07 -0.88
CA VAL B 2 -6.32 -19.87 -1.40
C VAL B 2 -6.43 -19.83 -2.92
N GLN B 3 -7.52 -19.29 -3.45
CA GLN B 3 -7.51 -18.99 -4.89
C GLN B 3 -8.68 -18.23 -5.45
N LEU B 4 -8.36 -17.49 -6.48
CA LEU B 4 -9.27 -16.47 -6.92
C LEU B 4 -9.97 -16.80 -8.27
N GLN B 5 -10.89 -17.77 -8.27
CA GLN B 5 -11.76 -17.97 -9.44
C GLN B 5 -12.69 -16.78 -9.72
N GLU B 6 -12.41 -16.26 -10.92
CA GLU B 6 -13.23 -15.40 -11.72
C GLU B 6 -14.36 -16.18 -12.38
N SER B 7 -15.56 -15.59 -12.37
CA SER B 7 -16.82 -16.29 -12.62
C SER B 7 -17.88 -15.34 -13.17
N GLY B 8 -18.79 -15.88 -13.98
CA GLY B 8 -19.94 -15.15 -14.55
C GLY B 8 -19.67 -14.91 -16.03
N PRO B 9 -20.36 -13.89 -16.63
CA PRO B 9 -20.64 -13.69 -18.08
C PRO B 9 -19.47 -13.80 -19.02
N GLY B 10 -19.70 -14.56 -20.09
CA GLY B 10 -18.78 -14.55 -21.20
C GLY B 10 -19.02 -13.31 -22.05
N LEU B 11 -20.24 -13.17 -22.60
CA LEU B 11 -20.56 -12.01 -23.43
C LEU B 11 -21.27 -10.87 -22.70
N VAL B 12 -21.00 -9.67 -23.17
CA VAL B 12 -21.69 -8.46 -22.71
C VAL B 12 -22.05 -7.53 -23.90
N LYS B 13 -23.26 -6.97 -23.89
CA LYS B 13 -23.70 -6.14 -24.98
C LYS B 13 -23.20 -4.74 -24.68
N PRO B 14 -22.83 -3.94 -25.73
CA PRO B 14 -22.20 -2.64 -25.49
C PRO B 14 -23.18 -1.70 -24.85
N SER B 15 -22.68 -0.67 -24.18
CA SER B 15 -23.56 0.28 -23.47
C SER B 15 -24.31 -0.37 -22.33
N GLN B 16 -24.43 -1.70 -22.36
CA GLN B 16 -24.86 -2.47 -21.21
C GLN B 16 -23.79 -2.49 -20.13
N THR B 17 -23.76 -3.50 -19.26
CA THR B 17 -22.86 -3.52 -18.06
C THR B 17 -22.09 -4.83 -17.70
N LEU B 18 -20.75 -4.78 -17.62
CA LEU B 18 -19.96 -5.91 -17.01
C LEU B 18 -20.03 -6.07 -15.44
N SER B 19 -20.40 -7.28 -15.00
CA SER B 19 -20.22 -7.67 -13.59
C SER B 19 -19.68 -9.06 -13.54
N LEU B 20 -18.69 -9.27 -12.65
CA LEU B 20 -17.90 -10.49 -12.51
C LEU B 20 -17.69 -10.73 -11.07
N THR B 21 -17.32 -11.94 -10.66
CA THR B 21 -17.31 -12.28 -9.23
C THR B 21 -16.15 -13.13 -8.83
N CYS B 22 -15.40 -12.72 -7.82
CA CYS B 22 -14.20 -13.51 -7.46
C CYS B 22 -14.31 -14.21 -6.06
N THR B 23 -13.41 -15.13 -5.74
CA THR B 23 -13.82 -16.16 -4.84
C THR B 23 -12.91 -17.35 -4.65
N VAL B 24 -12.72 -17.78 -3.39
CA VAL B 24 -11.93 -17.11 -2.32
C VAL B 24 -11.70 -18.36 -1.63
N SER B 25 -10.84 -19.18 -2.18
CA SER B 25 -10.89 -20.50 -1.72
C SER B 25 -9.73 -20.55 -0.82
N GLY B 26 -10.02 -20.96 0.44
CA GLY B 26 -9.05 -21.12 1.50
C GLY B 26 -8.56 -19.84 2.16
N GLY B 27 -9.51 -18.99 2.60
CA GLY B 27 -9.20 -17.70 3.31
C GLY B 27 -10.35 -16.69 3.40
N SER B 28 -10.45 -16.00 4.54
CA SER B 28 -11.68 -15.25 4.88
C SER B 28 -11.76 -13.80 4.39
N ILE B 29 -12.21 -13.54 3.15
CA ILE B 29 -12.13 -12.19 2.55
C ILE B 29 -12.06 -11.05 3.51
N SER B 30 -12.64 -11.22 4.68
CA SER B 30 -12.83 -10.08 5.53
C SER B 30 -11.78 -10.00 6.63
N SER B 31 -10.64 -9.41 6.26
CA SER B 31 -9.48 -9.08 7.15
C SER B 31 -8.52 -8.07 6.45
N GLY B 32 -7.86 -7.26 7.29
CA GLY B 32 -7.01 -6.16 6.80
C GLY B 32 -5.65 -6.65 6.35
N ASP B 33 -5.57 -7.86 5.89
CA ASP B 33 -4.26 -8.33 5.54
C ASP B 33 -4.10 -8.25 4.04
N TYR B 34 -5.21 -7.88 3.38
CA TYR B 34 -5.33 -8.03 1.95
C TYR B 34 -6.18 -7.01 1.21
N TYR B 35 -5.67 -6.42 0.13
CA TYR B 35 -6.52 -5.71 -0.82
C TYR B 35 -6.85 -6.78 -1.83
N TRP B 36 -8.12 -6.87 -2.22
CA TRP B 36 -8.60 -7.84 -3.22
C TRP B 36 -8.86 -7.09 -4.43
N SER B 37 -8.29 -7.47 -5.56
CA SER B 37 -8.29 -6.53 -6.67
C SER B 37 -8.57 -7.02 -8.05
N TRP B 38 -8.60 -6.09 -8.96
CA TRP B 38 -8.89 -6.49 -10.31
C TRP B 38 -8.02 -5.71 -11.24
N ILE B 39 -7.57 -6.48 -12.24
CA ILE B 39 -6.76 -6.08 -13.38
C ILE B 39 -7.29 -6.85 -14.57
N ARG B 40 -7.19 -6.21 -15.71
CA ARG B 40 -7.74 -6.82 -16.88
C ARG B 40 -6.70 -6.60 -17.88
N GLN B 41 -6.81 -7.26 -19.01
CA GLN B 41 -5.75 -7.32 -20.00
C GLN B 41 -6.44 -7.57 -21.30
N PRO B 42 -6.57 -6.51 -22.08
CA PRO B 42 -7.06 -6.50 -23.44
C PRO B 42 -6.17 -7.43 -24.22
N PRO B 43 -6.78 -8.35 -25.00
CA PRO B 43 -6.10 -9.49 -25.61
C PRO B 43 -5.07 -8.97 -26.59
N GLY B 44 -3.82 -9.38 -26.35
CA GLY B 44 -2.65 -8.78 -26.99
C GLY B 44 -2.17 -7.53 -26.29
N LYS B 45 -2.09 -7.55 -24.96
CA LYS B 45 -1.52 -6.33 -24.32
C LYS B 45 -1.14 -6.43 -22.87
N GLY B 46 -0.62 -5.30 -22.41
CA GLY B 46 -0.25 -5.13 -20.99
C GLY B 46 -1.35 -5.20 -19.96
N LEU B 47 -0.99 -5.46 -18.73
CA LEU B 47 -2.05 -5.52 -17.77
C LEU B 47 -2.51 -4.12 -17.36
N GLU B 48 -3.80 -3.93 -17.15
CA GLU B 48 -4.25 -2.69 -16.59
C GLU B 48 -5.02 -2.88 -15.30
N TRP B 49 -4.48 -2.22 -14.28
CA TRP B 49 -5.00 -2.33 -12.97
C TRP B 49 -6.25 -1.50 -12.87
N ILE B 50 -7.28 -2.05 -12.21
CA ILE B 50 -8.64 -1.45 -12.10
C ILE B 50 -8.86 -0.72 -10.80
N GLY B 51 -8.74 -1.41 -9.67
CA GLY B 51 -9.22 -0.89 -8.37
C GLY B 51 -9.17 -2.04 -7.43
N TYR B 52 -9.59 -1.81 -6.18
CA TYR B 52 -9.53 -2.84 -5.08
C TYR B 52 -10.32 -2.36 -3.92
N ILE B 53 -10.45 -3.24 -2.97
CA ILE B 53 -11.39 -3.04 -1.90
C ILE B 53 -10.87 -3.68 -0.61
N TYR B 54 -10.70 -2.87 0.46
CA TYR B 54 -10.39 -3.46 1.79
C TYR B 54 -11.66 -3.86 2.55
N TYR B 55 -11.51 -4.75 3.51
CA TYR B 55 -12.56 -5.16 4.41
C TYR B 55 -13.00 -4.00 5.28
N SER B 56 -13.41 -2.94 4.60
CA SER B 56 -14.24 -1.81 5.10
C SER B 56 -14.07 -0.71 4.09
N GLY B 57 -15.11 -0.64 3.27
CA GLY B 57 -15.38 0.38 2.31
C GLY B 57 -14.14 0.53 1.54
N SER B 58 -13.49 1.66 1.76
CA SER B 58 -12.21 1.95 1.17
C SER B 58 -12.04 1.11 -0.08
N THR B 59 -12.43 1.71 -1.18
CA THR B 59 -12.09 1.11 -2.44
C THR B 59 -11.06 2.11 -2.83
N ASP B 60 -10.33 1.82 -3.91
CA ASP B 60 -9.65 2.86 -4.67
C ASP B 60 -9.66 2.26 -6.03
N TYR B 61 -10.08 3.05 -7.02
CA TYR B 61 -10.19 2.57 -8.38
C TYR B 61 -9.29 3.41 -9.17
N ASN B 62 -9.12 3.00 -10.42
CA ASN B 62 -8.19 3.62 -11.39
C ASN B 62 -8.81 4.77 -12.06
N PRO B 63 -8.27 5.93 -11.83
CA PRO B 63 -8.75 7.09 -12.53
C PRO B 63 -8.96 6.84 -14.02
N SER B 64 -8.03 6.11 -14.63
CA SER B 64 -8.15 5.77 -16.04
C SER B 64 -9.56 5.43 -16.40
N LEU B 65 -10.16 4.56 -15.61
CA LEU B 65 -11.34 3.82 -15.96
C LEU B 65 -12.59 4.69 -15.84
N LYS B 66 -12.36 5.99 -15.60
CA LYS B 66 -13.40 7.07 -15.71
C LYS B 66 -14.74 6.87 -14.97
N SER B 67 -14.61 6.56 -13.68
CA SER B 67 -15.72 6.45 -12.75
C SER B 67 -16.70 5.33 -13.03
N ARG B 68 -16.41 4.50 -14.00
CA ARG B 68 -17.36 3.49 -14.35
C ARG B 68 -17.35 2.31 -13.39
N VAL B 69 -16.22 1.95 -12.79
CA VAL B 69 -16.23 0.70 -12.06
C VAL B 69 -16.77 1.00 -10.73
N THR B 70 -17.36 0.00 -10.09
CA THR B 70 -17.30 -0.05 -8.66
C THR B 70 -17.14 -1.47 -8.25
N MET B 71 -16.61 -1.62 -7.04
CA MET B 71 -16.30 -2.90 -6.38
C MET B 71 -17.22 -3.06 -5.22
N SER B 72 -17.29 -4.26 -4.69
CA SER B 72 -18.14 -4.52 -3.52
C SER B 72 -17.95 -5.96 -3.09
N VAL B 73 -18.50 -6.30 -1.91
CA VAL B 73 -18.10 -7.54 -1.28
C VAL B 73 -19.15 -8.33 -0.52
N ASP B 74 -19.90 -9.15 -1.24
CA ASP B 74 -20.70 -10.19 -0.57
C ASP B 74 -19.86 -11.18 0.25
N THR B 75 -20.16 -11.16 1.53
CA THR B 75 -19.39 -11.91 2.50
C THR B 75 -20.06 -13.24 2.83
N SER B 76 -21.39 -13.35 2.65
CA SER B 76 -22.11 -14.66 2.42
C SER B 76 -21.19 -15.60 1.68
N LYS B 77 -21.36 -15.64 0.35
CA LYS B 77 -20.57 -16.53 -0.52
C LYS B 77 -19.04 -16.30 -0.48
N ASN B 78 -18.56 -15.43 0.47
CA ASN B 78 -17.16 -15.08 0.66
C ASN B 78 -16.48 -14.67 -0.65
N GLN B 79 -17.00 -13.63 -1.32
CA GLN B 79 -16.42 -13.18 -2.55
C GLN B 79 -16.52 -11.69 -2.61
N PHE B 80 -15.97 -11.14 -3.68
CA PHE B 80 -16.05 -9.75 -4.02
C PHE B 80 -16.13 -9.65 -5.55
N SER B 81 -16.47 -8.44 -6.04
CA SER B 81 -17.05 -8.32 -7.37
C SER B 81 -16.90 -7.04 -8.11
N LEU B 82 -16.77 -7.19 -9.42
CA LEU B 82 -16.71 -6.07 -10.32
C LEU B 82 -18.08 -5.64 -10.82
N LYS B 83 -18.16 -4.40 -11.33
CA LYS B 83 -19.05 -4.03 -12.44
C LYS B 83 -18.30 -2.96 -13.10
N VAL B 84 -18.18 -3.08 -14.41
CA VAL B 84 -17.91 -1.90 -15.22
C VAL B 84 -19.16 -1.58 -16.00
N ASN B 85 -19.66 -0.38 -15.86
CA ASN B 85 -20.79 -0.05 -16.70
C ASN B 85 -20.37 0.83 -17.83
N SER B 86 -21.13 0.74 -18.90
CA SER B 86 -20.85 1.55 -20.08
C SER B 86 -19.79 0.95 -21.01
N VAL B 87 -19.42 -0.28 -20.71
CA VAL B 87 -18.65 -1.20 -21.59
C VAL B 87 -18.73 -0.96 -23.10
N THR B 88 -17.56 -0.84 -23.70
CA THR B 88 -17.43 -0.31 -25.03
C THR B 88 -16.67 -1.31 -25.77
N ALA B 89 -16.75 -1.12 -27.07
CA ALA B 89 -15.80 -1.67 -27.99
C ALA B 89 -14.42 -2.01 -27.33
N ALA B 90 -13.86 -1.04 -26.60
CA ALA B 90 -12.51 -1.16 -26.03
C ALA B 90 -12.46 -1.68 -24.57
N ASP B 91 -13.56 -2.24 -24.10
CA ASP B 91 -13.57 -2.70 -22.75
C ASP B 91 -13.21 -4.14 -22.81
N THR B 92 -13.27 -4.71 -24.02
CA THR B 92 -13.08 -6.17 -24.26
C THR B 92 -11.73 -6.65 -23.81
N ALA B 93 -11.70 -7.66 -22.92
CA ALA B 93 -10.43 -8.10 -22.38
C ALA B 93 -10.53 -9.37 -21.55
N VAL B 94 -9.57 -9.51 -20.61
CA VAL B 94 -9.54 -10.59 -19.60
C VAL B 94 -9.40 -9.94 -18.27
N TYR B 95 -10.40 -10.16 -17.44
CA TYR B 95 -10.36 -9.67 -16.05
C TYR B 95 -9.79 -10.73 -15.14
N TYR B 96 -8.70 -10.34 -14.46
CA TYR B 96 -8.08 -11.14 -13.39
C TYR B 96 -8.58 -10.64 -12.11
N CYS B 97 -9.05 -11.49 -11.25
CA CYS B 97 -9.14 -11.03 -9.92
C CYS B 97 -7.85 -11.39 -9.21
N ALA B 98 -7.37 -10.64 -8.20
CA ALA B 98 -6.10 -10.99 -7.53
C ALA B 98 -5.88 -10.48 -6.08
N ARG B 99 -4.98 -11.11 -5.33
CA ARG B 99 -4.78 -10.64 -3.98
C ARG B 99 -3.48 -9.92 -3.65
N VAL B 100 -3.54 -8.82 -2.88
CA VAL B 100 -2.36 -8.08 -2.38
C VAL B 100 -2.12 -8.27 -0.93
N SER B 101 -0.87 -8.13 -0.48
CA SER B 101 -0.52 -8.66 0.83
C SER B 101 -0.12 -7.72 1.93
N ILE B 102 -0.02 -6.44 1.59
CA ILE B 102 0.20 -5.35 2.54
C ILE B 102 1.39 -5.80 3.31
N PHE B 103 1.14 -6.45 4.44
CA PHE B 103 2.18 -6.80 5.36
C PHE B 103 3.24 -7.73 4.74
N GLY B 104 2.90 -8.57 3.77
CA GLY B 104 3.96 -9.35 3.10
C GLY B 104 4.77 -8.49 2.13
N VAL B 105 4.97 -9.06 0.94
CA VAL B 105 4.97 -8.29 -0.25
C VAL B 105 3.80 -7.27 -0.21
N GLY B 106 4.06 -6.03 -0.54
CA GLY B 106 2.93 -5.16 -0.80
C GLY B 106 2.26 -5.46 -2.14
N THR B 107 2.41 -6.66 -2.71
CA THR B 107 1.93 -6.81 -4.06
C THR B 107 1.10 -8.02 -4.39
N PHE B 108 0.51 -8.01 -5.60
CA PHE B 108 -0.24 -9.12 -6.17
C PHE B 108 0.51 -10.39 -6.04
N ASP B 109 -0.11 -11.43 -5.56
CA ASP B 109 0.69 -12.57 -5.24
C ASP B 109 -0.08 -13.79 -5.61
N TYR B 110 -1.39 -13.68 -5.64
CA TYR B 110 -2.15 -14.81 -6.06
C TYR B 110 -3.16 -14.26 -6.99
N TRP B 111 -3.11 -14.68 -8.21
CA TRP B 111 -4.17 -14.24 -9.05
C TRP B 111 -5.01 -15.43 -9.29
N GLY B 112 -6.32 -15.28 -9.41
CA GLY B 112 -7.08 -16.33 -10.03
C GLY B 112 -6.85 -16.55 -11.54
N GLN B 113 -7.30 -17.73 -11.98
CA GLN B 113 -7.30 -18.20 -13.36
C GLN B 113 -7.43 -17.14 -14.51
N GLY B 114 -8.07 -16.02 -14.20
CA GLY B 114 -8.43 -15.07 -15.26
C GLY B 114 -9.61 -15.54 -16.09
N THR B 115 -10.61 -14.66 -16.18
CA THR B 115 -11.76 -14.84 -17.08
C THR B 115 -11.92 -13.91 -18.35
N LEU B 116 -12.39 -14.55 -19.43
CA LEU B 116 -12.68 -13.79 -20.61
C LEU B 116 -14.02 -13.06 -20.44
N VAL B 117 -14.21 -12.04 -21.31
CA VAL B 117 -15.44 -11.29 -21.48
C VAL B 117 -15.23 -10.41 -22.67
N THR B 118 -15.98 -10.76 -23.68
CA THR B 118 -16.06 -9.98 -24.88
C THR B 118 -17.33 -9.21 -24.77
N VAL B 119 -17.14 -7.91 -24.91
CA VAL B 119 -18.15 -6.91 -25.14
C VAL B 119 -18.50 -6.95 -26.63
N SER B 120 -19.79 -6.91 -26.95
CA SER B 120 -20.24 -7.08 -28.33
C SER B 120 -21.73 -7.29 -28.47
N SER B 121 -22.28 -6.64 -29.49
CA SER B 121 -23.56 -6.94 -30.12
C SER B 121 -24.05 -8.39 -29.97
N ALA B 122 -24.88 -8.86 -30.90
CA ALA B 122 -25.28 -10.29 -30.97
C ALA B 122 -23.99 -11.10 -31.23
N SER B 123 -23.80 -12.34 -30.71
CA SER B 123 -24.77 -13.20 -30.01
C SER B 123 -24.18 -14.60 -29.83
N THR B 124 -24.52 -15.31 -28.74
CA THR B 124 -23.85 -16.57 -28.32
C THR B 124 -23.83 -17.69 -29.37
N LYS B 125 -22.92 -18.65 -29.25
CA LYS B 125 -22.86 -19.85 -30.13
C LYS B 125 -22.03 -21.05 -29.61
N GLY B 126 -22.71 -22.16 -29.34
CA GLY B 126 -22.06 -23.44 -29.09
C GLY B 126 -21.62 -23.96 -30.44
N PRO B 127 -20.61 -24.85 -30.48
CA PRO B 127 -20.01 -25.29 -31.75
C PRO B 127 -20.42 -26.70 -32.24
N SER B 128 -19.45 -27.40 -32.84
CA SER B 128 -19.54 -28.85 -33.13
C SER B 128 -18.14 -29.49 -33.13
N VAL B 129 -18.05 -30.65 -32.48
CA VAL B 129 -16.79 -31.30 -32.13
C VAL B 129 -16.42 -32.43 -33.10
N PHE B 130 -16.15 -32.06 -34.35
CA PHE B 130 -15.73 -33.03 -35.37
C PHE B 130 -14.44 -33.78 -34.94
N PRO B 131 -14.41 -35.14 -35.03
CA PRO B 131 -13.15 -35.89 -34.81
C PRO B 131 -12.19 -35.95 -36.01
N LEU B 132 -10.90 -36.06 -35.71
CA LEU B 132 -9.84 -36.16 -36.71
C LEU B 132 -9.06 -37.46 -36.51
N ALA B 133 -9.66 -38.56 -36.98
CA ALA B 133 -8.98 -39.85 -37.16
C ALA B 133 -7.91 -39.70 -38.27
N PRO B 134 -6.69 -40.25 -38.04
CA PRO B 134 -5.57 -39.94 -38.94
C PRO B 134 -5.45 -40.97 -40.05
N SER B 135 -4.61 -40.69 -41.05
CA SER B 135 -4.49 -41.61 -42.20
C SER B 135 -3.11 -41.69 -42.89
N SER B 136 -2.33 -42.72 -42.49
CA SER B 136 -1.04 -43.10 -43.14
C SER B 136 -1.09 -44.52 -43.70
N GLY B 142 6.76 -43.22 -37.43
CA GLY B 142 6.10 -44.33 -36.77
C GLY B 142 5.47 -43.99 -35.41
N THR B 143 4.91 -42.80 -35.30
CA THR B 143 4.16 -42.40 -34.11
C THR B 143 3.13 -41.34 -34.47
N ALA B 144 1.87 -41.72 -34.33
CA ALA B 144 0.72 -41.10 -34.98
C ALA B 144 0.14 -39.80 -34.38
N ALA B 145 -0.78 -39.15 -35.12
CA ALA B 145 -1.46 -37.91 -34.69
C ALA B 145 -2.94 -37.75 -35.10
N LEU B 146 -3.81 -37.97 -34.12
CA LEU B 146 -5.25 -37.73 -34.24
C LEU B 146 -5.61 -36.32 -33.76
N GLY B 147 -6.90 -35.97 -33.76
CA GLY B 147 -7.30 -34.64 -33.30
C GLY B 147 -8.80 -34.37 -33.24
N CYS B 148 -9.17 -33.11 -32.94
CA CYS B 148 -10.56 -32.62 -33.01
C CYS B 148 -10.67 -31.35 -33.86
N LEU B 149 -11.80 -31.14 -34.52
CA LEU B 149 -12.05 -29.81 -35.03
C LEU B 149 -13.24 -29.23 -34.30
N VAL B 150 -13.01 -28.10 -33.65
CA VAL B 150 -14.06 -27.36 -32.98
C VAL B 150 -14.36 -26.15 -33.84
N LYS B 151 -15.56 -26.16 -34.42
CA LYS B 151 -16.01 -25.16 -35.38
C LYS B 151 -17.38 -24.61 -35.03
N ASP B 152 -17.70 -23.47 -35.65
CA ASP B 152 -18.99 -22.74 -35.45
C ASP B 152 -19.29 -22.40 -33.99
N TYR B 153 -18.51 -21.47 -33.45
CA TYR B 153 -18.59 -21.14 -32.04
C TYR B 153 -18.21 -19.70 -31.71
N PHE B 154 -18.89 -19.17 -30.70
CA PHE B 154 -18.69 -17.81 -30.21
C PHE B 154 -19.37 -17.73 -28.84
N PRO B 155 -18.72 -17.10 -27.85
CA PRO B 155 -17.40 -16.48 -27.95
C PRO B 155 -16.22 -17.42 -27.61
N GLU B 156 -15.07 -17.13 -28.26
CA GLU B 156 -13.75 -17.56 -27.82
C GLU B 156 -13.82 -17.15 -26.37
N PRO B 157 -13.61 -18.04 -25.39
CA PRO B 157 -12.85 -19.26 -25.14
C PRO B 157 -13.50 -20.66 -25.28
N VAL B 158 -12.85 -21.50 -26.09
CA VAL B 158 -13.17 -22.92 -26.17
C VAL B 158 -12.10 -23.67 -25.43
N THR B 159 -12.46 -24.68 -24.64
CA THR B 159 -11.42 -25.41 -23.89
C THR B 159 -11.43 -26.90 -24.13
N VAL B 160 -10.39 -27.37 -24.81
CA VAL B 160 -10.24 -28.79 -25.16
C VAL B 160 -9.19 -29.51 -24.34
N SER B 161 -9.27 -30.82 -24.42
CA SER B 161 -8.68 -31.72 -23.47
C SER B 161 -8.92 -33.16 -23.97
N TRP B 162 -7.96 -34.05 -23.69
CA TRP B 162 -8.01 -35.40 -24.16
C TRP B 162 -7.90 -36.35 -22.99
N ASN B 163 -8.84 -37.29 -22.96
CA ASN B 163 -9.00 -38.26 -21.88
C ASN B 163 -8.97 -37.57 -20.52
N SER B 164 -9.83 -36.55 -20.34
CA SER B 164 -10.01 -35.83 -19.03
C SER B 164 -8.70 -35.42 -18.30
N GLY B 165 -7.69 -35.03 -19.08
CA GLY B 165 -6.45 -34.47 -18.53
C GLY B 165 -5.38 -35.51 -18.19
N ALA B 166 -5.32 -36.55 -19.00
CA ALA B 166 -4.44 -37.68 -18.75
C ALA B 166 -3.87 -38.12 -20.08
N LEU B 167 -4.19 -37.35 -21.13
CA LEU B 167 -3.47 -37.40 -22.41
C LEU B 167 -2.75 -36.07 -22.67
N THR B 168 -2.61 -35.28 -21.61
CA THR B 168 -1.70 -34.14 -21.55
C THR B 168 -0.55 -34.07 -22.62
N SER B 169 0.31 -35.08 -22.63
CA SER B 169 1.64 -35.02 -23.27
C SER B 169 1.62 -35.12 -24.78
N GLY B 170 2.37 -34.22 -25.41
CA GLY B 170 2.43 -34.12 -26.87
C GLY B 170 1.09 -33.75 -27.46
N VAL B 171 0.48 -32.68 -26.93
CA VAL B 171 -0.79 -32.16 -27.41
C VAL B 171 -0.70 -30.68 -27.74
N HIS B 172 -1.36 -30.28 -28.82
CA HIS B 172 -1.26 -28.94 -29.37
C HIS B 172 -2.61 -28.35 -29.77
N THR B 173 -3.05 -27.40 -28.96
CA THR B 173 -4.29 -26.70 -29.17
C THR B 173 -3.95 -25.32 -29.74
N PHE B 174 -3.95 -25.23 -31.08
CA PHE B 174 -3.73 -23.99 -31.83
C PHE B 174 -4.51 -22.74 -31.30
N PRO B 175 -4.07 -21.51 -31.62
CA PRO B 175 -4.81 -20.36 -31.11
C PRO B 175 -6.16 -20.17 -31.75
N ALA B 176 -6.65 -18.94 -31.66
CA ALA B 176 -8.01 -18.59 -32.08
C ALA B 176 -8.08 -18.60 -33.58
N VAL B 177 -9.18 -19.05 -34.15
CA VAL B 177 -9.36 -18.78 -35.58
C VAL B 177 -10.66 -17.96 -35.83
N LEU B 178 -10.49 -16.71 -36.25
CA LEU B 178 -11.65 -15.87 -36.59
C LEU B 178 -12.12 -16.06 -38.06
N GLN B 179 -12.69 -17.23 -38.35
CA GLN B 179 -13.25 -17.55 -39.67
C GLN B 179 -14.26 -16.46 -39.96
N SER B 180 -14.40 -16.06 -41.23
CA SER B 180 -15.29 -14.92 -41.63
C SER B 180 -16.77 -15.02 -41.10
N SER B 181 -17.27 -16.26 -41.03
CA SER B 181 -18.53 -16.66 -40.37
C SER B 181 -18.73 -15.98 -39.03
N GLY B 182 -18.23 -14.76 -38.91
CA GLY B 182 -18.11 -14.08 -37.63
C GLY B 182 -17.98 -15.02 -36.47
N LEU B 183 -17.86 -16.32 -36.75
CA LEU B 183 -17.66 -17.34 -35.73
C LEU B 183 -16.16 -17.66 -35.52
N TYR B 184 -15.89 -18.55 -34.58
CA TYR B 184 -14.52 -18.87 -34.22
C TYR B 184 -14.30 -20.38 -34.26
N SER B 185 -13.06 -20.78 -34.56
CA SER B 185 -12.66 -22.19 -34.63
C SER B 185 -11.18 -22.33 -34.27
N LEU B 186 -10.72 -23.57 -34.12
CA LEU B 186 -9.39 -23.85 -33.64
C LEU B 186 -9.20 -25.34 -33.74
N SER B 187 -7.97 -25.77 -34.00
CA SER B 187 -7.62 -27.14 -34.34
C SER B 187 -6.77 -27.78 -33.22
N SER B 188 -7.15 -28.98 -32.76
CA SER B 188 -6.48 -29.60 -31.59
C SER B 188 -6.06 -31.08 -31.76
N VAL B 189 -4.75 -31.32 -31.61
CA VAL B 189 -4.09 -32.59 -32.01
C VAL B 189 -3.16 -33.17 -30.96
N VAL B 190 -3.02 -34.50 -30.95
CA VAL B 190 -2.13 -35.20 -30.01
C VAL B 190 -1.40 -36.37 -30.65
N THR B 191 -0.08 -36.38 -30.57
CA THR B 191 0.73 -37.43 -31.20
C THR B 191 1.04 -38.66 -30.34
N VAL B 192 0.40 -39.78 -30.71
CA VAL B 192 0.48 -41.08 -30.02
C VAL B 192 1.42 -42.03 -30.78
N PRO B 193 1.83 -43.17 -30.16
CA PRO B 193 2.52 -44.24 -30.91
C PRO B 193 1.63 -44.83 -32.02
N SER B 194 2.14 -44.83 -33.27
CA SER B 194 1.40 -45.33 -34.45
C SER B 194 0.74 -46.65 -34.07
N SER B 195 1.59 -47.52 -33.57
CA SER B 195 1.16 -48.77 -32.97
C SER B 195 0.01 -48.53 -31.99
N SER B 196 -0.99 -49.41 -32.04
CA SER B 196 -2.03 -49.48 -31.02
C SER B 196 -2.78 -48.17 -30.85
N LEU B 197 -3.28 -47.67 -31.98
CA LEU B 197 -4.45 -46.81 -31.94
C LEU B 197 -5.45 -47.62 -31.10
N GLY B 198 -5.54 -48.92 -31.43
CA GLY B 198 -6.28 -49.91 -30.64
C GLY B 198 -5.65 -50.25 -29.29
N THR B 199 -6.38 -49.88 -28.22
CA THR B 199 -5.97 -49.86 -26.78
C THR B 199 -6.26 -48.45 -26.19
N GLN B 200 -5.23 -47.68 -25.86
CA GLN B 200 -5.35 -46.31 -25.29
C GLN B 200 -6.09 -45.31 -26.22
N THR B 201 -7.42 -45.45 -26.18
CA THR B 201 -8.40 -44.69 -26.96
C THR B 201 -8.61 -43.22 -26.48
N TYR B 202 -9.13 -42.36 -27.37
CA TYR B 202 -9.29 -40.95 -27.03
C TYR B 202 -10.63 -40.25 -27.41
N ILE B 203 -11.52 -40.12 -26.43
CA ILE B 203 -12.59 -39.15 -26.49
C ILE B 203 -11.98 -37.80 -26.13
N CYS B 204 -12.27 -36.75 -26.91
CA CYS B 204 -11.62 -35.45 -26.63
C CYS B 204 -12.48 -34.48 -25.83
N ASN B 205 -12.24 -34.44 -24.54
CA ASN B 205 -13.08 -33.69 -23.64
C ASN B 205 -13.18 -32.20 -23.99
N VAL B 206 -13.94 -31.87 -25.04
CA VAL B 206 -14.19 -30.45 -25.49
C VAL B 206 -15.38 -29.74 -24.82
N ASN B 207 -15.28 -28.41 -24.77
CA ASN B 207 -16.26 -27.55 -24.13
C ASN B 207 -16.13 -26.04 -24.51
N HIS B 208 -17.28 -25.37 -24.60
CA HIS B 208 -17.37 -23.93 -24.85
C HIS B 208 -18.40 -23.49 -23.82
N LYS B 209 -17.94 -22.89 -22.71
CA LYS B 209 -18.83 -22.63 -21.56
C LYS B 209 -19.71 -21.37 -21.61
N PRO B 210 -19.44 -20.42 -22.53
CA PRO B 210 -20.42 -19.35 -22.73
C PRO B 210 -21.81 -19.91 -23.08
N SER B 211 -21.96 -20.43 -24.31
CA SER B 211 -23.04 -21.39 -24.61
C SER B 211 -22.98 -22.48 -23.52
N ASN B 212 -23.95 -23.37 -23.44
CA ASN B 212 -23.81 -24.36 -22.40
C ASN B 212 -23.21 -25.69 -22.82
N THR B 213 -22.67 -25.75 -24.04
CA THR B 213 -22.05 -26.98 -24.61
C THR B 213 -20.72 -27.48 -23.96
N LYS B 214 -20.63 -28.81 -23.85
CA LYS B 214 -19.49 -29.53 -23.26
C LYS B 214 -19.58 -31.03 -23.66
N VAL B 215 -19.03 -31.35 -24.82
CA VAL B 215 -19.15 -32.70 -25.45
C VAL B 215 -17.81 -33.29 -25.87
N ASP B 216 -17.66 -34.59 -25.65
CA ASP B 216 -16.39 -35.25 -25.95
C ASP B 216 -16.47 -36.40 -26.97
N LYS B 217 -16.41 -36.06 -28.26
CA LYS B 217 -16.41 -37.04 -29.35
C LYS B 217 -15.15 -37.89 -29.28
N LYS B 218 -15.34 -39.22 -29.23
CA LYS B 218 -14.24 -40.22 -29.13
C LYS B 218 -13.62 -40.52 -30.51
N VAL B 219 -12.46 -39.93 -30.78
CA VAL B 219 -11.85 -39.97 -32.11
C VAL B 219 -11.57 -41.40 -32.57
N GLU B 220 -12.54 -42.01 -33.24
CA GLU B 220 -12.41 -43.39 -33.75
C GLU B 220 -11.47 -43.44 -34.98
N PRO B 221 -10.71 -44.55 -35.15
CA PRO B 221 -9.70 -44.62 -36.24
C PRO B 221 -10.30 -44.65 -37.66
N LYS B 222 -9.54 -44.09 -38.62
CA LYS B 222 -9.86 -44.15 -40.07
C LYS B 222 -9.23 -45.41 -40.69
N THR C 239 3.72 29.07 60.03
CA THR C 239 4.97 28.59 59.34
C THR C 239 6.12 29.55 59.62
N CYS C 240 7.29 29.00 59.89
CA CYS C 240 8.54 29.77 59.86
C CYS C 240 8.99 29.93 58.39
N PRO C 241 10.06 30.69 58.13
CA PRO C 241 10.27 31.08 56.72
C PRO C 241 10.93 30.01 55.82
N PRO C 242 10.35 29.76 54.63
CA PRO C 242 11.05 28.94 53.64
C PRO C 242 12.15 29.79 52.99
N LEU C 243 13.17 29.10 52.47
CA LEU C 243 14.35 29.75 51.89
C LEU C 243 14.98 30.75 52.86
N MET C 244 15.00 32.02 52.50
CA MET C 244 15.53 33.04 53.38
C MET C 244 14.42 33.97 53.82
N LEU C 245 14.39 35.14 53.17
CA LEU C 245 13.49 36.24 53.44
C LEU C 245 14.10 37.40 52.68
N TYR C 246 13.29 38.39 52.32
CA TYR C 246 13.76 39.45 51.43
C TYR C 246 15.14 39.99 51.81
N ASN C 247 16.18 39.50 51.15
CA ASN C 247 17.51 40.08 51.32
C ASN C 247 17.65 41.30 50.40
N PRO C 248 18.24 42.38 50.90
CA PRO C 248 18.45 43.52 50.03
C PRO C 248 19.85 43.57 49.39
N THR C 249 20.12 42.60 48.50
CA THR C 249 21.13 42.73 47.41
C THR C 249 20.57 42.01 46.19
N THR C 250 20.07 40.78 46.39
CA THR C 250 19.37 40.05 45.36
C THR C 250 18.03 40.72 45.11
N TYR C 251 17.24 40.83 46.17
CA TYR C 251 15.90 41.42 46.10
C TYR C 251 14.86 40.41 45.60
N GLN C 252 14.82 39.22 46.22
CA GLN C 252 13.83 38.16 45.88
C GLN C 252 13.72 37.03 46.93
N MET C 253 13.25 37.39 48.13
CA MET C 253 12.96 36.46 49.27
C MET C 253 13.92 35.29 49.49
N ASP C 254 15.14 35.44 48.98
CA ASP C 254 16.14 34.38 48.93
C ASP C 254 17.08 34.37 50.15
N VAL C 255 17.66 33.22 50.50
CA VAL C 255 17.36 31.89 49.95
C VAL C 255 17.64 30.83 51.01
N ASN C 256 18.24 31.27 52.14
CA ASN C 256 18.65 30.40 53.27
C ASN C 256 19.30 31.23 54.40
N PRO C 257 19.11 30.82 55.68
CA PRO C 257 18.14 29.88 56.21
C PRO C 257 17.07 30.60 57.03
N GLU C 258 17.27 30.67 58.35
CA GLU C 258 16.31 31.17 59.36
C GLU C 258 15.56 30.00 60.07
N GLY C 259 14.23 30.03 60.05
CA GLY C 259 13.40 28.95 60.61
C GLY C 259 13.29 27.80 59.62
N LYS C 260 13.00 26.61 60.15
CA LYS C 260 13.02 25.38 59.33
C LYS C 260 11.70 25.09 58.61
N TYR C 261 11.37 23.81 58.43
CA TYR C 261 10.15 23.46 57.70
C TYR C 261 9.41 22.31 58.36
N SER C 262 8.10 22.25 58.12
CA SER C 262 7.31 21.06 58.43
C SER C 262 5.85 21.17 58.07
N PHE C 263 5.25 20.00 57.95
CA PHE C 263 3.81 19.83 57.93
C PHE C 263 3.40 19.02 59.16
N GLY C 264 4.38 18.34 59.78
CA GLY C 264 4.14 17.59 61.03
C GLY C 264 3.76 18.47 62.21
N ALA C 265 3.39 19.72 61.92
CA ALA C 265 3.08 20.79 62.89
C ALA C 265 4.24 21.09 63.85
N THR C 266 5.47 21.06 63.30
CA THR C 266 6.71 21.26 64.08
C THR C 266 7.87 21.81 63.23
N CYS C 267 8.05 23.13 63.26
CA CYS C 267 9.17 23.79 62.55
C CYS C 267 10.53 23.16 62.88
N VAL C 268 10.84 22.02 62.27
CA VAL C 268 12.22 21.45 62.30
C VAL C 268 12.68 21.02 60.90
N LYS C 269 13.23 19.82 60.79
CA LYS C 269 13.79 19.34 59.54
C LYS C 269 14.25 17.89 59.68
N LYS C 270 13.99 17.06 58.67
CA LYS C 270 13.04 17.36 57.59
C LYS C 270 12.46 16.05 57.08
N CYS C 271 11.23 15.78 57.51
CA CYS C 271 10.54 14.53 57.18
C CYS C 271 11.47 13.34 57.23
N PRO C 272 12.10 13.12 58.40
CA PRO C 272 13.28 12.26 58.43
C PRO C 272 12.97 10.83 57.97
N ARG C 273 13.79 10.34 57.01
CA ARG C 273 13.66 9.01 56.37
C ARG C 273 12.24 8.68 55.90
N ASN C 274 11.33 8.70 56.87
CA ASN C 274 9.89 8.52 56.71
C ASN C 274 9.31 9.17 55.46
N TYR C 275 9.47 10.49 55.38
CA TYR C 275 8.56 11.31 54.62
C TYR C 275 9.15 12.30 53.58
N VAL C 276 8.31 12.68 52.63
CA VAL C 276 8.66 13.53 51.50
C VAL C 276 8.38 15.01 51.85
N VAL C 277 8.22 15.89 50.85
CA VAL C 277 8.09 17.34 51.12
C VAL C 277 7.26 18.12 50.09
N THR C 278 6.16 18.74 50.50
CA THR C 278 5.35 19.49 49.52
C THR C 278 5.95 20.81 49.08
N ASP C 279 6.07 20.88 47.75
CA ASP C 279 6.08 22.07 46.93
C ASP C 279 5.85 23.39 47.68
N HIS C 280 4.78 23.43 48.47
CA HIS C 280 4.40 24.61 49.24
C HIS C 280 5.18 24.72 50.55
N GLY C 281 6.40 24.20 50.57
CA GLY C 281 7.29 24.36 51.72
C GLY C 281 6.81 23.68 52.99
N SER C 282 6.03 22.62 52.83
CA SER C 282 5.52 21.86 53.97
C SER C 282 6.58 20.90 54.50
N CYS C 283 6.20 19.63 54.49
CA CYS C 283 7.04 18.45 54.77
C CYS C 283 6.12 17.27 55.15
N VAL C 284 5.59 16.58 54.14
CA VAL C 284 4.48 15.63 54.35
C VAL C 284 4.93 14.19 54.50
N ARG C 285 4.11 13.27 54.00
CA ARG C 285 4.37 11.82 53.94
C ARG C 285 3.41 11.27 52.90
N ALA C 286 3.90 10.38 52.04
CA ALA C 286 3.19 9.97 50.83
C ALA C 286 3.01 11.18 49.91
N CYS C 287 3.39 11.04 48.64
CA CYS C 287 3.53 12.21 47.78
C CYS C 287 2.25 12.68 47.17
N GLY C 288 1.98 13.97 47.37
CA GLY C 288 0.70 14.59 47.07
C GLY C 288 0.19 14.09 45.75
N ALA C 289 -0.68 13.10 45.79
CA ALA C 289 -1.31 12.54 44.60
C ALA C 289 -1.73 13.69 43.69
N ASP C 290 -1.15 13.69 42.49
CA ASP C 290 -0.81 14.93 41.77
C ASP C 290 -0.19 15.95 42.74
N SER C 291 1.13 16.09 42.71
CA SER C 291 1.98 15.41 41.73
C SER C 291 3.13 14.60 42.34
N TYR C 292 3.98 14.05 41.46
CA TYR C 292 4.92 12.96 41.79
C TYR C 292 6.10 13.27 42.74
N GLU C 293 6.76 12.18 43.16
CA GLU C 293 8.01 12.20 43.90
C GLU C 293 9.22 12.39 42.96
N MET C 294 10.44 12.40 43.53
CA MET C 294 11.67 12.78 42.82
C MET C 294 12.73 13.03 43.86
N GLU C 295 13.98 12.70 43.53
CA GLU C 295 15.03 12.86 44.51
C GLU C 295 16.29 13.62 44.03
N GLU C 296 16.13 14.90 43.69
CA GLU C 296 17.32 15.72 43.51
C GLU C 296 18.09 15.92 44.83
N ASP C 297 19.40 15.74 44.72
CA ASP C 297 20.35 15.86 45.82
C ASP C 297 19.91 15.05 47.01
N GLY C 298 19.54 13.80 46.75
CA GLY C 298 19.27 12.85 47.84
C GLY C 298 18.17 13.26 48.82
N VAL C 299 17.52 14.40 48.55
CA VAL C 299 16.33 14.87 49.29
C VAL C 299 15.09 14.76 48.39
N ARG C 300 13.99 14.33 49.00
CA ARG C 300 12.87 13.72 48.29
C ARG C 300 11.78 14.69 48.01
N LYS C 301 12.12 15.81 47.37
CA LYS C 301 11.10 16.77 46.97
C LYS C 301 10.03 16.11 46.05
N CYS C 302 9.01 16.89 45.68
CA CYS C 302 7.75 16.31 45.28
C CYS C 302 6.98 17.30 44.49
N LYS C 303 7.19 17.35 43.17
CA LYS C 303 6.80 18.51 42.35
C LYS C 303 5.52 18.35 41.48
N LYS C 304 5.13 19.42 40.78
CA LYS C 304 3.90 19.49 39.95
C LYS C 304 3.94 18.78 38.57
N CYS C 305 2.92 17.94 38.34
CA CYS C 305 2.86 16.96 37.23
C CYS C 305 2.92 17.53 35.83
N GLU C 306 2.43 18.75 35.64
CA GLU C 306 2.54 19.44 34.35
C GLU C 306 2.49 18.50 33.14
N GLY C 307 1.30 18.10 32.65
CA GLY C 307 0.01 18.29 33.31
C GLY C 307 -1.17 18.23 32.34
N PRO C 308 -1.70 17.02 32.04
CA PRO C 308 -1.73 15.65 32.60
C PRO C 308 -0.63 15.19 33.55
N CYS C 309 -1.01 14.50 34.62
CA CYS C 309 -0.07 13.69 35.40
C CYS C 309 0.14 12.39 34.59
N ARG C 310 0.88 11.39 35.08
CA ARG C 310 1.16 10.19 34.26
C ARG C 310 0.49 8.88 34.70
N LYS C 311 -0.66 8.57 34.08
CA LYS C 311 -1.32 7.26 34.23
C LYS C 311 -0.96 6.28 33.09
N VAL C 312 -0.24 5.22 33.42
CA VAL C 312 0.03 4.20 32.44
C VAL C 312 -1.10 3.19 32.48
N CYS C 313 -1.61 2.93 31.28
CA CYS C 313 -2.77 2.09 31.08
C CYS C 313 -2.25 0.97 30.24
N ASN C 314 -3.11 -0.02 30.01
CA ASN C 314 -2.70 -1.26 29.37
C ASN C 314 -3.70 -1.60 28.28
N GLY C 315 -3.93 -2.89 28.05
CA GLY C 315 -4.88 -3.36 27.05
C GLY C 315 -4.38 -3.00 25.66
N ILE C 316 -5.17 -3.26 24.61
CA ILE C 316 -6.38 -4.09 24.62
C ILE C 316 -5.91 -5.51 24.91
N GLY C 317 -6.79 -6.35 25.44
CA GLY C 317 -6.45 -7.76 25.75
C GLY C 317 -5.00 -8.11 26.05
N ILE C 318 -4.48 -7.76 27.24
CA ILE C 318 -5.31 -7.74 28.48
C ILE C 318 -5.40 -6.46 29.30
N GLY C 319 -6.54 -6.33 29.97
CA GLY C 319 -6.78 -5.35 31.02
C GLY C 319 -8.03 -5.71 31.85
N GLU C 320 -9.03 -4.81 31.95
CA GLU C 320 -9.08 -3.42 31.37
C GLU C 320 -10.26 -3.08 30.37
N PHE C 321 -10.42 -3.66 29.16
CA PHE C 321 -9.55 -4.56 28.36
C PHE C 321 -9.41 -6.04 28.78
N LYS C 322 -8.86 -6.83 27.87
CA LYS C 322 -8.83 -8.32 27.83
C LYS C 322 -9.18 -8.59 26.36
N ASP C 323 -8.75 -9.74 25.81
CA ASP C 323 -9.12 -10.16 24.44
C ASP C 323 -10.34 -9.38 23.96
N SER C 324 -10.14 -8.55 22.92
CA SER C 324 -11.21 -7.76 22.30
C SER C 324 -10.74 -7.02 21.05
N LEU C 325 -11.11 -7.53 19.88
CA LEU C 325 -10.76 -6.92 18.60
C LEU C 325 -10.14 -5.48 18.76
N SER C 326 -10.82 -4.44 18.25
CA SER C 326 -10.37 -3.05 18.37
C SER C 326 -10.75 -2.55 19.74
N ILE C 327 -10.82 -1.22 19.88
CA ILE C 327 -11.08 -0.63 21.21
C ILE C 327 -12.55 -0.77 21.48
N ASN C 328 -13.35 -0.27 20.50
CA ASN C 328 -14.77 0.11 20.68
C ASN C 328 -14.89 1.12 21.84
N ALA C 329 -15.78 2.08 21.79
CA ALA C 329 -17.12 1.88 21.40
C ALA C 329 -17.62 1.71 22.81
N THR C 330 -17.28 0.62 23.51
CA THR C 330 -17.57 0.60 24.96
C THR C 330 -16.82 1.77 25.56
N ASN C 331 -15.56 1.74 26.03
CA ASN C 331 -14.56 0.70 26.38
C ASN C 331 -13.35 1.59 26.32
N ILE C 332 -13.40 2.46 25.30
CA ILE C 332 -12.61 3.66 25.06
C ILE C 332 -12.60 4.54 26.26
N LYS C 333 -13.65 4.39 27.06
CA LYS C 333 -13.86 5.12 28.30
C LYS C 333 -12.73 4.72 29.21
N HIS C 334 -12.31 3.46 29.21
CA HIS C 334 -11.22 3.08 30.09
C HIS C 334 -9.87 3.80 29.85
N PHE C 335 -9.88 4.88 29.08
CA PHE C 335 -8.65 5.67 28.92
C PHE C 335 -8.67 7.04 29.57
N LYS C 336 -9.83 7.66 29.76
CA LYS C 336 -9.83 9.06 30.17
C LYS C 336 -8.55 9.25 30.96
N ASN C 337 -7.66 10.12 30.46
CA ASN C 337 -6.44 10.48 31.19
C ASN C 337 -5.32 9.43 31.09
N CYS C 338 -5.14 8.87 29.92
CA CYS C 338 -4.04 7.97 29.75
C CYS C 338 -3.00 8.76 29.06
N THR C 339 -2.08 9.28 29.87
CA THR C 339 -0.66 9.53 29.56
C THR C 339 -0.08 8.70 28.41
N SER C 340 0.00 7.39 28.61
CA SER C 340 0.65 6.51 27.68
C SER C 340 0.39 5.08 28.12
N ILE C 341 0.30 4.18 27.13
CA ILE C 341 -0.56 3.04 27.29
C ILE C 341 0.00 1.75 26.83
N SER C 342 0.66 1.05 27.75
CA SER C 342 1.56 -0.07 27.42
C SER C 342 0.94 -1.04 26.50
N GLY C 343 1.68 -1.45 25.49
CA GLY C 343 1.21 -2.51 24.57
C GLY C 343 0.40 -1.91 23.45
N ASP C 344 -0.14 -2.74 22.58
CA ASP C 344 -0.57 -2.17 21.31
C ASP C 344 -1.96 -1.62 21.42
N LEU C 345 -2.45 -1.16 20.27
CA LEU C 345 -3.68 -0.38 20.18
C LEU C 345 -4.17 -0.40 18.74
N HIS C 346 -5.39 -0.92 18.55
CA HIS C 346 -6.04 -1.08 17.24
C HIS C 346 -7.36 -0.26 17.04
N ILE C 347 -7.37 0.81 16.21
CA ILE C 347 -8.66 1.31 15.72
C ILE C 347 -9.00 0.57 14.46
N LEU C 348 -9.58 -0.61 14.60
CA LEU C 348 -9.95 -1.45 13.49
C LEU C 348 -11.42 -1.00 13.24
N PRO C 349 -12.12 -1.38 12.12
CA PRO C 349 -13.44 -0.78 11.76
C PRO C 349 -14.65 -1.61 12.15
N VAL C 350 -14.43 -2.88 12.47
CA VAL C 350 -15.34 -3.64 13.36
C VAL C 350 -15.40 -2.83 14.66
N ALA C 351 -15.72 -1.57 14.52
CA ALA C 351 -15.18 -0.67 15.45
C ALA C 351 -16.17 0.37 15.72
N PHE C 352 -16.33 1.24 14.71
CA PHE C 352 -17.34 2.29 14.76
C PHE C 352 -18.65 1.74 14.21
N ARG C 353 -18.57 0.51 13.67
CA ARG C 353 -19.62 -0.12 12.89
C ARG C 353 -20.65 -0.46 13.90
N GLY C 354 -20.19 -0.83 15.11
CA GLY C 354 -20.97 -1.44 16.18
C GLY C 354 -20.91 -2.95 16.05
N ASP C 355 -20.83 -3.65 17.17
CA ASP C 355 -21.00 -5.13 17.17
C ASP C 355 -22.15 -5.61 18.02
N SER C 356 -22.94 -6.53 17.46
CA SER C 356 -24.19 -7.00 18.04
C SER C 356 -23.94 -8.28 18.86
N PHE C 357 -23.61 -9.28 18.05
CA PHE C 357 -22.76 -10.40 18.38
C PHE C 357 -22.04 -10.26 19.72
N THR C 358 -21.70 -9.03 20.12
CA THR C 358 -21.15 -8.70 21.46
C THR C 358 -21.70 -7.42 22.09
N HIS C 359 -22.89 -6.99 21.70
CA HIS C 359 -23.53 -5.95 22.46
C HIS C 359 -22.63 -4.74 22.49
N THR C 360 -22.45 -4.09 21.37
CA THR C 360 -21.46 -3.03 21.32
C THR C 360 -21.75 -1.95 20.29
N PRO C 361 -22.12 -0.77 20.78
CA PRO C 361 -22.63 0.27 19.92
C PRO C 361 -21.52 0.77 19.05
N PRO C 362 -21.82 1.32 17.88
CA PRO C 362 -20.72 1.92 17.21
C PRO C 362 -20.05 2.94 18.12
N LEU C 363 -18.72 3.01 18.03
CA LEU C 363 -17.93 4.13 18.54
C LEU C 363 -18.35 5.51 17.99
N ASP C 364 -18.44 6.50 18.89
CA ASP C 364 -18.63 7.91 18.48
C ASP C 364 -17.35 8.68 18.13
N PRO C 365 -17.22 9.08 16.86
CA PRO C 365 -15.99 9.71 16.55
C PRO C 365 -15.67 10.67 17.64
N GLN C 366 -16.56 11.57 17.98
CA GLN C 366 -16.30 12.41 19.15
C GLN C 366 -15.40 11.71 20.19
N GLU C 367 -15.99 10.97 21.12
CA GLU C 367 -15.26 10.27 22.16
C GLU C 367 -14.06 9.49 21.65
N LEU C 368 -13.46 9.89 20.53
CA LEU C 368 -12.19 9.29 20.10
C LEU C 368 -11.06 10.18 20.47
N ASP C 369 -11.40 11.42 20.83
CA ASP C 369 -10.49 12.37 21.44
C ASP C 369 -10.23 12.02 22.95
N ILE C 370 -10.28 10.74 23.32
CA ILE C 370 -10.13 10.37 24.73
C ILE C 370 -8.83 10.66 25.45
N LEU C 371 -7.62 10.52 24.91
CA LEU C 371 -7.04 9.79 23.78
C LEU C 371 -5.92 10.66 23.19
N LYS C 372 -6.13 11.97 23.12
CA LYS C 372 -5.00 12.92 23.08
C LYS C 372 -4.29 13.02 24.42
N THR C 373 -4.90 12.60 25.51
CA THR C 373 -4.14 12.35 26.74
C THR C 373 -2.96 11.40 26.49
N VAL C 374 -3.06 10.54 25.48
CA VAL C 374 -1.97 9.61 25.14
C VAL C 374 -0.82 10.32 24.54
N LYS C 375 0.36 10.08 25.11
CA LYS C 375 1.60 10.41 24.46
C LYS C 375 2.64 9.28 24.31
N GLU C 376 2.35 8.03 24.67
CA GLU C 376 3.31 6.94 24.33
C GLU C 376 2.70 5.56 24.12
N ILE C 377 3.37 4.76 23.31
CA ILE C 377 2.85 3.41 23.00
C ILE C 377 3.99 2.44 22.94
N THR C 378 3.90 1.55 23.90
CA THR C 378 4.89 0.54 24.14
C THR C 378 4.91 -0.38 22.94
N GLY C 379 3.73 -0.95 22.68
CA GLY C 379 3.53 -1.82 21.56
C GLY C 379 3.37 -0.97 20.32
N PHE C 380 2.20 -1.02 19.71
CA PHE C 380 2.12 -0.47 18.38
C PHE C 380 0.80 0.13 18.01
N LEU C 381 0.89 1.14 17.17
CA LEU C 381 -0.26 1.67 16.52
C LEU C 381 -0.66 0.87 15.26
N LEU C 382 -1.98 0.76 15.08
CA LEU C 382 -2.62 -0.04 14.06
C LEU C 382 -3.98 0.55 13.86
N ILE C 383 -4.07 1.40 12.84
CA ILE C 383 -5.30 2.03 12.40
C ILE C 383 -5.68 1.48 11.00
N GLN C 384 -6.75 0.67 10.95
CA GLN C 384 -7.33 0.19 9.68
C GLN C 384 -8.74 0.77 9.51
N ALA C 385 -9.31 1.30 10.60
CA ALA C 385 -10.55 2.12 10.55
C ALA C 385 -10.30 3.55 10.94
N TRP C 386 -11.12 4.50 10.48
CA TRP C 386 -10.92 5.93 10.83
C TRP C 386 -11.91 6.79 10.06
N PRO C 387 -12.72 7.56 10.80
CA PRO C 387 -13.98 8.07 10.38
C PRO C 387 -13.82 9.21 9.37
N GLU C 388 -14.42 9.05 8.20
CA GLU C 388 -13.81 9.66 7.06
C GLU C 388 -14.18 11.07 6.80
N ASN C 389 -14.83 11.72 7.73
CA ASN C 389 -14.97 13.13 7.52
C ASN C 389 -13.96 13.77 8.43
N ARG C 390 -13.07 12.92 8.96
CA ARG C 390 -11.76 13.36 9.52
C ARG C 390 -10.80 13.39 8.36
N THR C 391 -9.62 13.92 8.64
CA THR C 391 -8.69 14.36 7.62
C THR C 391 -7.26 14.20 8.20
N ASP C 392 -7.15 14.04 9.50
CA ASP C 392 -5.94 13.50 10.07
C ASP C 392 -6.16 12.67 11.26
N LEU C 393 -5.05 12.14 11.74
CA LEU C 393 -5.00 11.34 12.95
C LEU C 393 -4.96 12.26 14.18
N HIS C 394 -5.80 13.29 14.12
CA HIS C 394 -6.02 14.19 15.19
C HIS C 394 -6.02 13.53 16.58
N ALA C 395 -6.84 12.53 16.84
CA ALA C 395 -6.98 12.17 18.24
C ALA C 395 -5.63 11.79 18.76
N PHE C 396 -4.87 11.21 17.86
CA PHE C 396 -3.49 10.94 18.04
C PHE C 396 -2.67 12.19 17.67
N GLU C 397 -2.66 13.27 18.48
CA GLU C 397 -1.83 14.49 18.14
C GLU C 397 -0.87 14.82 19.22
N ASN C 398 -0.93 14.08 20.30
CA ASN C 398 0.02 14.33 21.34
C ASN C 398 0.92 13.12 21.54
N LEU C 399 0.61 12.00 20.92
CA LEU C 399 1.52 10.85 21.01
C LEU C 399 2.87 11.21 20.45
N GLU C 400 3.85 11.06 21.32
CA GLU C 400 5.20 11.49 21.08
C GLU C 400 6.04 10.35 20.56
N ILE C 401 5.62 9.14 20.92
CA ILE C 401 6.41 7.90 20.81
C ILE C 401 5.71 6.49 20.56
N ILE C 402 6.32 5.73 19.67
CA ILE C 402 5.82 4.40 19.46
C ILE C 402 7.06 3.62 19.78
N ARG C 403 7.13 3.26 21.06
CA ARG C 403 8.16 2.39 21.54
C ARG C 403 8.12 1.13 20.72
N GLY C 404 9.19 0.33 20.87
CA GLY C 404 9.35 -0.95 20.16
C GLY C 404 8.02 -1.60 19.80
N ARG C 405 7.37 -2.11 20.84
CA ARG C 405 8.06 -2.87 21.84
C ARG C 405 7.51 -4.21 21.41
N THR C 406 6.32 -4.19 20.82
CA THR C 406 5.77 -5.29 19.98
C THR C 406 5.13 -4.76 18.64
N LYS C 407 4.94 -5.63 17.66
CA LYS C 407 4.63 -5.18 16.30
C LYS C 407 3.44 -5.88 15.67
N GLN C 408 2.76 -5.23 14.71
CA GLN C 408 1.59 -5.85 14.04
C GLN C 408 2.23 -6.70 13.01
N HIS C 409 1.97 -8.00 13.20
CA HIS C 409 2.82 -9.08 12.73
C HIS C 409 4.18 -8.84 13.29
N GLY C 410 4.97 -9.90 13.44
CA GLY C 410 6.31 -9.79 14.02
C GLY C 410 7.33 -8.75 13.48
N GLN C 411 6.91 -7.87 12.57
CA GLN C 411 7.66 -6.66 12.20
C GLN C 411 6.62 -5.61 11.87
N PHE C 412 6.76 -4.32 12.24
CA PHE C 412 5.61 -3.27 12.08
C PHE C 412 4.99 -2.64 13.33
N SER C 413 5.42 -1.44 13.66
CA SER C 413 5.11 -0.84 14.92
C SER C 413 4.06 0.23 14.77
N LEU C 414 4.20 1.06 13.75
CA LEU C 414 3.09 1.91 13.37
C LEU C 414 2.46 1.46 11.99
N ALA C 415 1.13 1.26 11.94
CA ALA C 415 0.46 0.99 10.66
C ALA C 415 -0.87 1.67 10.46
N VAL C 416 -1.05 2.17 9.23
CA VAL C 416 -2.11 3.10 8.84
C VAL C 416 -2.57 2.60 7.48
N VAL C 417 -3.15 1.41 7.47
CA VAL C 417 -3.62 0.79 6.23
C VAL C 417 -4.86 1.44 5.72
N SER C 418 -4.73 2.00 4.52
CA SER C 418 -5.84 2.46 3.70
C SER C 418 -6.92 3.25 4.45
N LEU C 419 -6.66 4.51 4.84
CA LEU C 419 -7.65 5.42 5.54
C LEU C 419 -8.08 6.52 4.63
N ASN C 420 -8.98 7.42 5.01
CA ASN C 420 -9.48 8.46 4.03
C ASN C 420 -8.79 9.85 4.10
N ILE C 421 -8.20 10.06 5.25
CA ILE C 421 -7.39 11.24 5.63
C ILE C 421 -6.30 11.63 4.64
N THR C 422 -5.67 12.74 4.96
CA THR C 422 -5.10 13.62 4.00
C THR C 422 -3.77 14.24 4.46
N SER C 423 -3.43 13.96 5.72
CA SER C 423 -2.16 14.33 6.37
C SER C 423 -2.08 13.46 7.57
N LEU C 424 -0.94 12.89 7.88
CA LEU C 424 -0.94 12.05 9.04
C LEU C 424 -1.39 12.77 10.31
N GLY C 425 -0.93 13.99 10.61
CA GLY C 425 -1.40 14.70 11.81
C GLY C 425 -0.70 14.31 13.14
N LEU C 426 0.50 13.74 12.97
CA LEU C 426 1.34 13.22 14.04
C LEU C 426 2.50 14.19 14.37
N ARG C 427 2.06 15.38 14.78
CA ARG C 427 2.84 16.52 15.22
C ARG C 427 3.66 16.39 16.53
N SER C 428 3.74 15.23 17.16
CA SER C 428 4.36 15.09 18.49
C SER C 428 5.12 13.81 18.54
N LEU C 429 4.82 12.93 17.59
CA LEU C 429 5.64 11.73 17.36
C LEU C 429 6.87 12.04 16.56
N LYS C 430 8.04 11.97 17.21
CA LYS C 430 9.36 12.14 16.53
C LYS C 430 10.40 11.00 16.85
N GLU C 431 9.92 10.00 17.63
CA GLU C 431 10.64 8.79 18.06
C GLU C 431 9.81 7.48 18.00
N ILE C 432 9.87 6.77 16.87
CA ILE C 432 9.39 5.37 16.79
C ILE C 432 10.55 4.43 17.21
N SER C 433 10.63 4.12 18.50
CA SER C 433 11.72 3.29 19.07
C SER C 433 12.23 2.12 18.24
N ASP C 434 11.31 1.45 17.55
CA ASP C 434 11.62 0.19 16.91
C ASP C 434 10.32 -0.38 16.34
N GLY C 435 10.51 -1.09 15.22
CA GLY C 435 9.41 -1.64 14.41
C GLY C 435 9.19 -0.69 13.25
N ASP C 436 8.29 -1.13 12.35
CA ASP C 436 8.17 -0.60 11.01
C ASP C 436 6.86 0.12 10.65
N VAL C 437 7.10 1.22 9.92
CA VAL C 437 6.04 1.98 9.34
C VAL C 437 5.73 1.58 7.92
N ILE C 438 4.41 1.45 7.72
CA ILE C 438 3.73 1.03 6.51
C ILE C 438 2.50 1.95 6.33
N ILE C 439 2.55 2.83 5.33
CA ILE C 439 1.43 3.69 5.12
C ILE C 439 0.74 3.24 3.84
N SER C 440 0.02 2.14 3.95
CA SER C 440 -0.52 1.48 2.78
C SER C 440 -1.86 2.12 2.43
N GLY C 441 -2.05 2.29 1.08
CA GLY C 441 -3.30 2.61 0.34
C GLY C 441 -4.13 3.74 0.86
N ASN C 442 -3.50 4.86 1.21
CA ASN C 442 -4.27 5.87 1.86
C ASN C 442 -5.00 6.59 0.85
N LYS C 443 -4.26 7.38 0.09
CA LYS C 443 -4.74 7.65 -1.27
C LYS C 443 -5.45 8.99 -1.50
N ASN C 444 -5.85 9.64 -0.38
CA ASN C 444 -5.89 11.08 -0.38
C ASN C 444 -4.79 11.68 0.40
N LEU C 445 -3.66 10.98 0.48
CA LEU C 445 -2.68 11.19 1.53
C LEU C 445 -1.45 11.97 1.25
N CYS C 446 -1.58 13.27 1.18
CA CYS C 446 -0.37 14.04 0.99
C CYS C 446 0.59 14.18 2.20
N TYR C 447 1.71 14.89 2.00
CA TYR C 447 2.76 15.05 3.04
C TYR C 447 3.25 13.65 3.34
N ALA C 448 3.36 13.38 4.66
CA ALA C 448 3.59 12.01 5.20
C ALA C 448 4.61 11.16 4.39
N ASN C 449 5.13 11.78 3.33
CA ASN C 449 6.31 11.34 2.67
C ASN C 449 7.21 12.51 2.45
N THR C 450 7.32 13.37 3.46
CA THR C 450 8.32 14.44 3.44
C THR C 450 9.15 14.31 4.68
N ILE C 451 8.79 13.35 5.50
CA ILE C 451 9.45 13.15 6.75
C ILE C 451 10.71 12.43 6.40
N ASN C 452 11.80 12.75 7.07
CA ASN C 452 12.94 11.86 7.04
C ASN C 452 12.78 10.88 8.19
N TRP C 453 12.25 9.74 7.84
CA TRP C 453 11.74 8.80 8.84
C TRP C 453 12.80 8.26 9.75
N LYS C 454 13.96 8.00 9.14
CA LYS C 454 15.11 7.43 9.79
C LYS C 454 15.42 8.31 10.94
N LYS C 455 15.31 9.63 10.73
CA LYS C 455 15.43 10.52 11.88
C LYS C 455 14.56 10.14 13.10
N LEU C 456 13.40 9.48 12.94
CA LEU C 456 12.59 9.10 14.14
C LEU C 456 12.87 7.71 14.63
N PHE C 457 13.73 6.97 13.91
CA PHE C 457 13.92 5.54 14.12
C PHE C 457 15.06 5.19 15.02
N GLY C 458 14.80 4.70 16.21
CA GLY C 458 15.92 4.33 17.08
C GLY C 458 16.47 2.91 16.94
N THR C 459 16.31 2.28 15.77
CA THR C 459 16.99 1.01 15.43
C THR C 459 17.58 0.78 14.01
N SER C 460 17.93 -0.49 13.82
CA SER C 460 18.91 -0.90 12.82
C SER C 460 18.33 -0.85 11.40
N GLY C 461 17.35 -1.73 11.14
CA GLY C 461 16.88 -1.98 9.76
C GLY C 461 15.46 -1.50 9.63
N GLN C 462 15.27 -0.19 9.80
CA GLN C 462 13.95 0.38 9.98
C GLN C 462 13.19 0.72 8.68
N LYS C 463 12.46 -0.30 8.21
CA LYS C 463 11.76 -0.26 6.93
C LYS C 463 10.57 0.74 6.97
N THR C 464 10.63 1.82 6.22
CA THR C 464 9.39 2.57 6.05
C THR C 464 8.78 2.55 4.66
N LYS C 465 7.71 1.77 4.55
CA LYS C 465 7.07 1.39 3.30
C LYS C 465 5.91 2.33 2.94
N ILE C 466 6.18 3.44 2.26
CA ILE C 466 5.11 4.38 1.86
C ILE C 466 4.53 3.93 0.51
N ILE C 467 3.27 3.43 0.52
CA ILE C 467 2.71 2.53 -0.58
C ILE C 467 1.25 2.66 -1.17
N SER C 468 1.19 3.03 -2.47
CA SER C 468 -0.03 3.24 -3.22
C SER C 468 -0.67 4.52 -2.88
N ASN C 469 0.08 5.57 -2.66
CA ASN C 469 -0.60 6.68 -2.02
C ASN C 469 -0.97 7.80 -2.93
N ARG C 470 -1.24 8.98 -2.37
CA ARG C 470 -1.57 10.06 -3.27
C ARG C 470 -0.28 10.53 -3.90
N GLY C 471 -0.18 10.35 -5.24
CA GLY C 471 1.05 10.64 -6.00
C GLY C 471 1.38 12.11 -5.95
N GLU C 472 2.65 12.41 -5.78
CA GLU C 472 3.04 13.78 -5.37
C GLU C 472 2.80 14.92 -6.36
N ASN C 473 1.83 14.79 -7.24
CA ASN C 473 1.61 15.77 -8.29
C ASN C 473 0.20 16.04 -8.00
N SER C 474 -0.65 15.02 -8.10
CA SER C 474 -1.83 15.04 -7.27
C SER C 474 -1.51 15.93 -6.01
N CYS C 475 -0.37 15.69 -5.38
CA CYS C 475 -0.08 16.42 -4.21
C CYS C 475 0.42 17.82 -4.54
N LYS C 476 1.14 17.98 -5.66
CA LYS C 476 1.67 19.33 -6.15
C LYS C 476 0.60 20.18 -6.87
N ALA C 477 -0.46 19.52 -7.25
CA ALA C 477 -1.44 20.17 -8.01
C ALA C 477 -2.31 20.92 -7.07
N THR C 478 -2.55 20.40 -5.88
CA THR C 478 -3.07 21.28 -4.79
C THR C 478 -2.03 22.13 -4.17
N GLY C 479 -0.81 21.68 -4.25
CA GLY C 479 0.13 22.02 -3.24
C GLY C 479 -0.35 21.74 -1.81
N GLN C 480 -0.85 20.54 -1.54
CA GLN C 480 -0.72 20.04 -0.18
C GLN C 480 0.77 19.92 0.00
N VAL C 481 1.48 20.99 -0.37
CA VAL C 481 2.90 21.15 -0.18
C VAL C 481 3.12 21.52 1.30
N CYS C 482 4.33 21.31 1.86
CA CYS C 482 4.60 21.76 3.24
C CYS C 482 4.54 23.28 3.25
N HIS C 483 4.38 23.82 4.44
CA HIS C 483 4.25 25.24 4.53
C HIS C 483 5.47 25.91 3.94
N ALA C 484 5.22 26.97 3.18
CA ALA C 484 6.32 27.84 2.74
C ALA C 484 7.20 28.16 3.92
N LEU C 485 6.58 28.25 5.09
CA LEU C 485 7.15 28.80 6.27
C LEU C 485 7.89 27.70 6.98
N CYS C 486 7.78 26.49 6.46
CA CYS C 486 8.32 25.27 7.08
C CYS C 486 9.79 25.03 6.71
N SER C 487 10.65 24.56 7.65
CA SER C 487 12.03 24.09 7.32
C SER C 487 12.07 23.07 6.14
N PRO C 488 13.23 22.89 5.48
CA PRO C 488 13.41 21.77 4.50
C PRO C 488 13.14 20.37 5.04
N GLU C 489 13.02 20.31 6.39
CA GLU C 489 12.95 19.04 7.12
C GLU C 489 11.60 18.31 6.92
N GLY C 490 10.48 18.98 7.09
CA GLY C 490 9.21 18.35 6.74
C GLY C 490 8.01 18.99 7.43
N CYS C 491 6.88 18.30 7.33
CA CYS C 491 5.66 18.72 7.96
C CYS C 491 4.79 17.53 7.90
N TRP C 492 3.63 17.61 8.56
CA TRP C 492 2.69 16.48 8.57
C TRP C 492 1.30 16.82 8.08
N GLY C 493 0.94 18.11 8.16
CA GLY C 493 -0.26 18.68 7.51
C GLY C 493 0.40 19.74 6.67
N PRO C 494 -0.18 20.95 6.56
CA PRO C 494 0.37 22.19 6.06
C PRO C 494 0.27 23.41 6.98
N GLU C 495 -0.82 23.56 7.72
CA GLU C 495 -0.81 24.46 8.87
C GLU C 495 0.60 24.39 9.43
N PRO C 496 1.30 25.52 9.40
CA PRO C 496 2.63 25.63 9.96
C PRO C 496 2.87 24.86 11.27
N ARG C 497 1.97 24.92 12.25
CA ARG C 497 2.05 24.01 13.40
C ARG C 497 2.49 22.59 13.08
N ASP C 498 2.18 22.19 11.86
CA ASP C 498 2.45 20.87 11.35
C ASP C 498 3.86 20.72 10.87
N CYS C 499 4.72 21.72 11.13
CA CYS C 499 6.09 21.73 10.63
C CYS C 499 6.96 20.72 11.31
N VAL C 500 8.11 20.40 10.74
CA VAL C 500 9.07 19.54 11.43
C VAL C 500 10.08 20.38 12.22
N SER C 501 10.58 21.46 11.61
CA SER C 501 11.47 22.47 12.24
C SER C 501 11.42 23.72 11.36
N CYS C 502 11.69 24.93 11.83
CA CYS C 502 11.24 26.08 10.98
C CYS C 502 12.11 26.81 9.95
N ARG C 503 11.55 27.13 8.77
CA ARG C 503 12.26 27.97 7.70
C ARG C 503 12.81 29.26 8.21
N ASN C 504 12.06 29.96 9.05
CA ASN C 504 12.60 31.09 9.83
C ASN C 504 12.71 30.73 11.34
N VAL C 505 12.07 31.46 12.24
CA VAL C 505 12.04 31.05 13.66
C VAL C 505 10.72 30.32 14.09
N SER C 506 10.72 29.66 15.25
CA SER C 506 9.50 29.02 15.79
C SER C 506 8.91 29.83 16.88
N ARG C 507 7.59 29.74 17.07
CA ARG C 507 6.91 30.10 18.32
C ARG C 507 6.13 28.96 19.05
N GLY C 508 6.54 28.79 20.32
CA GLY C 508 6.19 27.69 21.24
C GLY C 508 5.20 26.57 20.90
N ARG C 509 5.42 25.95 19.72
CA ARG C 509 4.76 24.71 19.21
C ARG C 509 4.46 24.81 17.72
N GLU C 510 4.51 26.03 17.19
CA GLU C 510 4.07 26.28 15.82
C GLU C 510 5.06 27.20 15.16
N CYS C 511 5.53 26.86 13.98
CA CYS C 511 6.31 27.77 13.12
C CYS C 511 5.87 29.21 13.22
N VAL C 512 6.77 30.19 13.01
CA VAL C 512 6.37 31.61 12.81
C VAL C 512 7.17 32.32 11.71
N ASP C 513 6.54 33.27 11.03
CA ASP C 513 7.21 34.26 10.17
C ASP C 513 8.53 34.64 10.74
N LYS C 514 8.52 35.77 11.40
CA LYS C 514 9.65 36.20 12.20
C LYS C 514 9.17 36.55 13.64
N CYS C 515 10.07 36.87 14.54
CA CYS C 515 9.65 37.12 15.89
C CYS C 515 9.11 38.55 16.22
N ASN C 516 8.55 38.68 17.43
CA ASN C 516 7.83 39.88 17.88
C ASN C 516 8.62 40.75 18.87
N LEU C 517 9.85 40.34 19.14
CA LEU C 517 10.81 41.14 19.87
C LEU C 517 10.81 42.64 19.49
N LEU C 518 10.35 43.00 18.29
CA LEU C 518 10.41 44.41 17.76
C LEU C 518 9.06 45.18 17.51
N GLU C 519 7.91 44.52 17.73
CA GLU C 519 6.59 44.99 17.24
C GLU C 519 5.40 44.73 18.20
N GLY C 520 5.71 44.55 19.50
CA GLY C 520 4.72 44.13 20.51
C GLY C 520 3.81 42.93 20.17
N GLU C 521 2.92 42.62 21.12
CA GLU C 521 1.81 41.66 20.96
C GLU C 521 1.73 40.55 22.05
N PRO C 522 2.84 39.85 22.33
CA PRO C 522 2.82 39.06 23.56
C PRO C 522 3.93 39.59 24.43
N ARG C 523 4.66 40.55 23.85
CA ARG C 523 5.93 41.13 24.34
C ARG C 523 7.17 40.65 23.53
N GLU C 524 7.61 39.39 23.72
CA GLU C 524 8.51 38.65 22.75
C GLU C 524 10.06 39.03 22.63
N PHE C 525 10.88 38.02 22.28
CA PHE C 525 12.36 38.13 22.17
C PHE C 525 13.04 36.78 21.81
N VAL C 526 13.95 36.73 20.83
CA VAL C 526 14.44 35.43 20.26
C VAL C 526 15.50 34.74 21.10
N GLU C 527 15.74 33.44 20.87
CA GLU C 527 16.87 32.70 21.49
C GLU C 527 16.90 31.24 21.12
N ASN C 528 17.95 30.80 20.42
CA ASN C 528 18.05 29.41 19.96
C ASN C 528 17.03 29.18 18.90
N SER C 529 16.72 30.22 18.14
CA SER C 529 15.56 30.23 17.27
C SER C 529 14.14 29.99 17.87
N GLU C 530 14.00 29.67 19.15
CA GLU C 530 12.67 29.78 19.73
C GLU C 530 12.49 31.23 20.08
N CYS C 531 11.25 31.54 20.43
CA CYS C 531 10.65 32.85 20.31
C CYS C 531 9.90 33.06 21.58
N ILE C 532 10.65 33.29 22.64
CA ILE C 532 10.18 33.41 24.00
C ILE C 532 9.63 34.80 24.29
N GLN C 533 8.62 34.88 25.16
CA GLN C 533 7.97 36.16 25.44
C GLN C 533 8.83 36.97 26.37
N CYS C 534 8.37 38.17 26.77
CA CYS C 534 9.10 38.91 27.80
C CYS C 534 8.55 38.72 29.15
N HIS C 535 9.25 39.27 30.14
CA HIS C 535 8.68 39.29 31.47
C HIS C 535 7.49 40.23 31.52
N PRO C 536 6.39 39.83 32.23
CA PRO C 536 5.20 40.68 32.43
C PRO C 536 5.46 42.16 32.81
N GLU C 537 6.50 42.41 33.60
CA GLU C 537 6.79 43.75 34.10
C GLU C 537 7.71 44.61 33.24
N CYS C 538 7.88 44.24 31.97
CA CYS C 538 8.70 45.04 31.06
C CYS C 538 7.90 46.06 30.33
N LEU C 539 8.58 47.15 30.00
CA LEU C 539 7.98 48.19 29.22
C LEU C 539 8.61 48.23 27.82
N PRO C 540 7.80 47.91 26.79
CA PRO C 540 8.01 47.91 25.33
C PRO C 540 8.88 49.03 24.77
N GLN C 541 8.65 49.41 23.51
CA GLN C 541 9.26 50.62 22.92
C GLN C 541 9.39 50.66 21.41
N ALA C 542 8.80 51.67 20.79
CA ALA C 542 9.16 52.04 19.43
C ALA C 542 10.69 52.03 19.30
N MET C 543 11.42 52.80 20.14
CA MET C 543 12.90 52.81 20.13
C MET C 543 13.49 51.41 20.40
N ASN C 544 13.58 51.09 21.70
CA ASN C 544 14.21 49.87 22.26
C ASN C 544 13.44 48.54 22.05
N ILE C 545 13.97 47.44 22.59
CA ILE C 545 13.48 46.13 22.17
C ILE C 545 12.60 45.41 23.17
N THR C 546 12.77 45.70 24.47
CA THR C 546 11.86 45.22 25.55
C THR C 546 12.38 44.03 26.40
N CYS C 547 13.33 43.26 25.88
CA CYS C 547 13.96 42.16 26.62
C CYS C 547 15.37 41.93 26.15
N THR C 548 16.32 41.87 27.08
CA THR C 548 17.64 41.39 26.71
C THR C 548 17.64 39.87 26.78
N GLY C 549 16.68 39.30 27.47
CA GLY C 549 16.58 37.86 27.59
C GLY C 549 15.33 37.44 28.34
N ARG C 550 15.34 36.20 28.81
CA ARG C 550 14.26 35.66 29.63
C ARG C 550 14.35 36.21 31.04
N GLY C 551 13.43 35.80 31.90
CA GLY C 551 13.50 36.16 33.30
C GLY C 551 13.26 37.64 33.59
N PRO C 552 12.63 37.95 34.75
CA PRO C 552 12.16 39.30 35.12
C PRO C 552 13.16 40.44 34.89
N ASP C 553 14.25 40.48 35.68
CA ASP C 553 15.13 41.65 35.82
C ASP C 553 15.67 42.28 34.51
N ASN C 554 16.64 41.63 33.88
CA ASN C 554 17.14 42.07 32.60
C ASN C 554 16.02 42.27 31.57
N CYS C 555 15.62 43.53 31.42
CA CYS C 555 14.90 43.99 30.25
C CYS C 555 14.86 45.51 30.24
N ILE C 556 14.33 46.11 29.17
CA ILE C 556 14.49 47.53 28.89
C ILE C 556 13.82 48.59 29.81
N GLN C 557 12.67 48.26 30.42
CA GLN C 557 11.91 49.18 31.31
C GLN C 557 10.74 48.51 32.05
N CYS C 558 9.88 49.32 32.69
CA CYS C 558 9.19 48.89 33.92
C CYS C 558 7.76 49.40 34.24
N ALA C 559 6.76 48.57 33.95
CA ALA C 559 5.39 48.89 34.34
C ALA C 559 5.06 48.63 35.84
N HIS C 560 6.07 48.71 36.69
CA HIS C 560 5.90 48.73 38.16
C HIS C 560 7.23 48.96 38.93
N TYR C 561 7.74 50.19 38.80
CA TYR C 561 8.91 50.77 39.54
C TYR C 561 10.32 50.28 39.11
N ILE C 562 10.84 49.28 39.83
CA ILE C 562 12.22 48.75 39.71
C ILE C 562 12.77 48.52 41.12
N ASP C 563 13.91 47.85 41.25
CA ASP C 563 14.37 47.31 42.53
C ASP C 563 15.70 46.57 42.32
N GLY C 564 16.76 47.36 42.23
CA GLY C 564 18.12 46.87 42.01
C GLY C 564 18.29 46.47 40.57
N PRO C 565 18.30 45.16 40.32
CA PRO C 565 17.97 44.67 38.99
C PRO C 565 16.45 44.42 38.86
N HIS C 566 15.87 43.82 39.90
CA HIS C 566 14.55 43.19 39.88
C HIS C 566 13.32 44.11 39.74
N CYS C 567 12.83 44.32 38.52
CA CYS C 567 11.56 45.08 38.29
C CYS C 567 10.29 44.45 38.92
N VAL C 568 9.91 44.91 40.11
CA VAL C 568 8.87 44.26 40.91
C VAL C 568 7.45 44.58 40.44
N LYS C 569 6.60 43.57 40.40
CA LYS C 569 5.19 43.71 40.02
C LYS C 569 4.45 44.64 40.97
N THR C 570 4.62 44.38 42.26
CA THR C 570 4.12 45.22 43.37
C THR C 570 5.17 45.33 44.50
N CYS C 571 5.59 46.56 44.79
CA CYS C 571 6.61 46.83 45.82
C CYS C 571 6.25 46.32 47.24
N PRO C 572 7.16 45.50 47.83
CA PRO C 572 6.96 44.57 48.95
C PRO C 572 6.04 44.96 50.11
N ALA C 573 6.23 46.15 50.70
CA ALA C 573 5.56 46.50 51.95
C ALA C 573 5.82 45.44 53.04
N GLY C 574 4.83 45.16 53.90
CA GLY C 574 4.95 44.16 54.98
C GLY C 574 5.47 42.80 54.55
N VAL C 575 6.79 42.62 54.65
CA VAL C 575 7.48 41.42 54.15
C VAL C 575 8.57 40.96 55.15
N MET C 576 8.26 39.89 55.89
CA MET C 576 9.15 39.34 56.94
C MET C 576 9.77 37.98 56.58
N GLY C 577 11.01 37.70 56.99
CA GLY C 577 11.74 38.50 57.96
C GLY C 577 13.18 38.89 57.64
N GLU C 578 14.11 38.00 57.99
CA GLU C 578 15.53 38.33 58.20
C GLU C 578 15.69 39.04 59.54
N ASN C 579 16.45 38.41 60.44
CA ASN C 579 16.51 38.80 61.85
C ASN C 579 15.18 39.45 62.28
N ASN C 580 14.11 38.69 62.10
CA ASN C 580 12.73 39.06 62.51
C ASN C 580 12.10 40.31 61.87
N THR C 581 12.65 40.79 60.75
CA THR C 581 12.22 42.07 60.17
C THR C 581 11.18 42.02 59.03
N LEU C 582 10.01 42.61 59.27
CA LEU C 582 8.92 42.68 58.28
C LEU C 582 9.00 43.90 57.32
N VAL C 583 10.16 44.09 56.69
CA VAL C 583 10.43 45.21 55.78
C VAL C 583 9.51 45.18 54.56
N TRP C 584 8.82 46.28 54.21
CA TRP C 584 8.94 47.65 54.74
C TRP C 584 9.90 48.50 53.88
N LYS C 585 9.48 48.78 52.65
CA LYS C 585 10.27 49.53 51.64
C LYS C 585 9.36 50.14 50.57
N TYR C 586 9.59 51.43 50.28
CA TYR C 586 8.79 52.26 49.32
C TYR C 586 9.11 53.76 49.55
N ALA C 587 8.91 54.66 48.57
CA ALA C 587 8.42 54.45 47.19
C ALA C 587 8.76 55.65 46.24
N ASP C 588 10.06 55.86 46.00
CA ASP C 588 10.57 57.03 45.28
C ASP C 588 10.43 56.97 43.75
N ALA C 589 9.81 57.99 43.17
CA ALA C 589 9.39 58.01 41.75
C ALA C 589 10.46 58.32 40.69
N GLY C 590 10.44 57.55 39.61
CA GLY C 590 11.49 57.56 38.59
C GLY C 590 12.37 56.32 38.74
N HIS C 591 12.65 55.96 39.99
CA HIS C 591 13.47 54.80 40.34
C HIS C 591 12.79 53.85 41.35
N VAL C 592 13.61 53.19 42.18
CA VAL C 592 13.17 52.05 42.98
C VAL C 592 12.47 52.38 44.30
N CYS C 593 12.43 51.39 45.19
CA CYS C 593 11.87 51.53 46.54
C CYS C 593 12.98 51.71 47.61
N HIS C 594 12.79 52.63 48.54
CA HIS C 594 13.75 52.83 49.62
C HIS C 594 13.19 52.37 50.98
N LEU C 595 14.11 51.97 51.87
CA LEU C 595 13.75 51.34 53.15
C LEU C 595 12.90 52.19 54.09
N CYS C 596 12.27 51.51 55.06
CA CYS C 596 11.43 52.15 56.09
C CYS C 596 12.16 52.23 57.45
N HIS C 597 11.40 52.48 58.51
CA HIS C 597 11.94 52.58 59.87
C HIS C 597 11.03 51.80 60.82
N PRO C 598 11.64 51.00 61.73
CA PRO C 598 11.17 49.80 62.44
C PRO C 598 9.68 49.49 62.46
N ASN C 599 9.36 48.19 62.43
CA ASN C 599 7.98 47.68 62.53
C ASN C 599 7.05 48.09 61.39
N CYS C 600 6.98 49.40 61.14
CA CYS C 600 5.98 50.02 60.27
C CYS C 600 5.23 49.11 59.31
N THR C 601 4.15 48.52 59.81
CA THR C 601 3.18 47.80 58.98
C THR C 601 2.37 48.83 58.19
N TYR C 602 2.34 50.07 58.71
CA TYR C 602 1.78 51.23 58.02
C TYR C 602 2.73 51.70 56.90
N GLY C 603 2.14 52.23 55.83
CA GLY C 603 2.89 52.63 54.62
C GLY C 603 3.72 53.89 54.75
N CYS C 604 5.03 53.71 54.97
CA CYS C 604 5.99 54.76 55.35
C CYS C 604 6.85 55.31 54.20
N THR C 605 6.89 56.65 54.08
CA THR C 605 7.59 57.30 52.95
C THR C 605 9.14 57.41 53.16
N GLY C 606 9.62 58.66 53.28
CA GLY C 606 11.03 59.01 53.13
C GLY C 606 12.05 58.42 54.08
N PRO C 607 13.33 58.78 53.88
CA PRO C 607 14.46 58.34 54.72
C PRO C 607 14.58 59.13 56.04
N GLY C 608 14.02 60.34 56.06
CA GLY C 608 14.07 61.24 57.23
C GLY C 608 13.44 60.69 58.50
N LEU C 609 12.15 60.98 58.72
CA LEU C 609 11.44 60.48 59.90
C LEU C 609 9.91 60.35 59.73
N GLU C 610 9.25 61.44 59.32
CA GLU C 610 7.78 61.55 59.28
C GLU C 610 7.08 60.44 58.47
N GLY C 611 6.95 59.27 59.08
CA GLY C 611 6.48 58.10 58.36
C GLY C 611 5.28 57.37 58.93
N CYS C 612 5.25 57.15 60.25
CA CYS C 612 4.29 56.21 60.84
C CYS C 612 3.19 56.67 61.82
N PRO C 613 2.81 57.97 61.84
CA PRO C 613 1.61 58.26 62.64
C PRO C 613 0.30 57.92 61.91
#